data_9BW8
#
_entry.id   9BW8
#
_cell.length_a   63.915
_cell.length_b   94.152
_cell.length_c   105.003
_cell.angle_alpha   90.000
_cell.angle_beta   91.770
_cell.angle_gamma   90.000
#
_symmetry.space_group_name_H-M   'P 1 21 1'
#
loop_
_entity.id
_entity.type
_entity.pdbx_description
1 polymer 'Cytochrome P450-SU1'
2 polymer 'Fluorinated Biarylitide'
3 non-polymer 'trifluoroacetic acid'
4 non-polymer 'PROTOPORPHYRIN IX CONTAINING FE'
5 non-polymer 'SODIUM ION'
6 water water
#
loop_
_entity_poly.entity_id
_entity_poly.type
_entity_poly.pdbx_seq_one_letter_code
_entity_poly.pdbx_strand_id
1 'polypeptide(L)'
;MGSSHHHHHHSSGLVPRGSHMMADEATAAVRDPIYDPLAPSVIADPYPFYRKLRETNTVHWHEFLDSWVVTGYAECRQVL
GDTTNFGSDFRRIDVEIPDTQLSVQSLDPPEHGAIRHLLVSALHEQPLSTVRQQFAAIAAQHLAELSGQPGTVDLVSRFA
RPVALRTITAFLGVPPPDGAGFEQWSNAIVRSMDAGIEPARAEPGNQARAELSRLVTHWLAEADERGFVGAARRAARAQD
VPAAVLANSLRAVLHAGYESVSRLLGGVLARLVRHPELLAGPATRDADEALVDELIRLDGPVQADARVCVRDQPVGAQLV
RRGDVLVLFIAAANRDPAVFPDPDAVRLTRRRGLHLAFGRGAHACLGAGLATLQLREVLGALRAGGLRLAPAGPAAYEPT
ATLRGLAELPVSVRQPHRTD
;
A,B,C
2 'polypeptide(L)' MR(YOF)LH E
#
# COMPACT_ATOMS: atom_id res chain seq x y z
N PRO A 33 -43.03 -24.44 -9.13
CA PRO A 33 -41.59 -24.71 -9.27
C PRO A 33 -41.25 -26.12 -9.77
N ILE A 34 -40.01 -26.31 -10.24
CA ILE A 34 -39.59 -27.65 -10.65
C ILE A 34 -39.63 -28.60 -9.47
N TYR A 35 -38.93 -28.26 -8.38
CA TYR A 35 -38.99 -29.03 -7.15
C TYR A 35 -38.68 -28.12 -5.97
N ASP A 36 -39.02 -28.59 -4.79
CA ASP A 36 -38.68 -27.87 -3.57
C ASP A 36 -37.29 -28.26 -3.10
N PRO A 37 -36.30 -27.35 -3.15
CA PRO A 37 -34.93 -27.73 -2.79
C PRO A 37 -34.82 -28.21 -1.36
N LEU A 38 -35.78 -27.85 -0.50
CA LEU A 38 -35.80 -28.27 0.89
C LEU A 38 -36.84 -29.38 1.11
N ALA A 39 -37.49 -29.85 0.06
CA ALA A 39 -38.42 -30.95 0.25
C ALA A 39 -37.66 -32.18 0.76
N PRO A 40 -38.24 -32.95 1.68
CA PRO A 40 -37.52 -34.11 2.23
C PRO A 40 -37.04 -35.10 1.19
N SER A 41 -37.84 -35.37 0.16
CA SER A 41 -37.43 -36.33 -0.86
C SER A 41 -36.25 -35.80 -1.67
N VAL A 42 -36.19 -34.48 -1.88
CA VAL A 42 -35.05 -33.89 -2.58
C VAL A 42 -33.82 -33.96 -1.69
N ILE A 43 -33.95 -33.56 -0.42
CA ILE A 43 -32.82 -33.61 0.50
C ILE A 43 -32.28 -35.05 0.63
N ALA A 44 -33.17 -36.06 0.54
CA ALA A 44 -32.73 -37.45 0.67
C ALA A 44 -31.75 -37.82 -0.44
N ASP A 45 -31.96 -37.31 -1.65
CA ASP A 45 -31.04 -37.55 -2.75
C ASP A 45 -31.33 -36.52 -3.85
N PRO A 46 -30.60 -35.41 -3.90
CA PRO A 46 -30.95 -34.36 -4.88
C PRO A 46 -30.46 -34.60 -6.31
N TYR A 47 -29.53 -35.53 -6.54
CA TYR A 47 -28.87 -35.65 -7.84
C TYR A 47 -29.83 -36.04 -8.97
N PRO A 48 -30.82 -36.92 -8.76
CA PRO A 48 -31.79 -37.15 -9.86
C PRO A 48 -32.57 -35.91 -10.22
N PHE A 49 -32.81 -35.03 -9.25
CA PHE A 49 -33.50 -33.78 -9.54
C PHE A 49 -32.61 -32.82 -10.31
N TYR A 50 -31.34 -32.71 -9.91
CA TYR A 50 -30.37 -31.94 -10.67
C TYR A 50 -30.33 -32.43 -12.11
N ARG A 51 -30.28 -33.77 -12.29
CA ARG A 51 -30.19 -34.33 -13.62
C ARG A 51 -31.41 -33.99 -14.46
N LYS A 52 -32.62 -34.07 -13.89
CA LYS A 52 -33.80 -33.70 -14.67
C LYS A 52 -33.73 -32.24 -15.12
N LEU A 53 -33.28 -31.35 -14.22
CA LEU A 53 -33.09 -29.96 -14.59
C LEU A 53 -32.08 -29.81 -15.73
N ARG A 54 -30.93 -30.46 -15.57
CA ARG A 54 -29.88 -30.38 -16.59
C ARG A 54 -30.38 -30.86 -17.94
N GLU A 55 -31.12 -31.97 -17.94
CA GLU A 55 -31.63 -32.54 -19.19
C GLU A 55 -32.63 -31.60 -19.85
N THR A 56 -33.30 -30.76 -19.07
CA THR A 56 -34.25 -29.83 -19.67
C THR A 56 -33.59 -28.55 -20.14
N ASN A 57 -32.72 -27.97 -19.31
CA ASN A 57 -32.01 -26.77 -19.72
C ASN A 57 -30.87 -26.50 -18.75
N THR A 58 -29.65 -26.37 -19.26
CA THR A 58 -28.50 -26.19 -18.38
C THR A 58 -28.53 -24.82 -17.71
N VAL A 59 -29.33 -23.90 -18.24
CA VAL A 59 -29.45 -22.55 -17.69
C VAL A 59 -30.95 -22.26 -17.65
N HIS A 60 -31.59 -22.50 -16.50
N HIS A 60 -31.58 -22.61 -16.53
CA HIS A 60 -33.04 -22.44 -16.37
CA HIS A 60 -33.02 -22.45 -16.29
C HIS A 60 -33.47 -21.31 -15.45
C HIS A 60 -33.29 -21.13 -15.59
N TRP A 61 -34.44 -20.52 -15.89
CA TRP A 61 -34.94 -19.43 -15.05
C TRP A 61 -35.89 -20.01 -13.99
N HIS A 62 -35.59 -19.77 -12.71
CA HIS A 62 -36.44 -20.16 -11.58
C HIS A 62 -37.13 -18.90 -11.08
N GLU A 63 -38.40 -18.74 -11.49
CA GLU A 63 -39.10 -17.48 -11.31
C GLU A 63 -39.40 -17.15 -9.86
N PHE A 64 -39.62 -18.16 -9.02
CA PHE A 64 -40.02 -17.89 -7.64
C PHE A 64 -38.80 -17.48 -6.82
N LEU A 65 -37.65 -18.11 -7.10
CA LEU A 65 -36.39 -17.69 -6.53
C LEU A 65 -35.77 -16.51 -7.27
N ASP A 66 -36.32 -16.13 -8.43
CA ASP A 66 -35.84 -14.96 -9.17
C ASP A 66 -34.37 -15.11 -9.48
N SER A 67 -33.98 -16.31 -9.96
CA SER A 67 -32.58 -16.58 -10.29
C SER A 67 -32.44 -17.58 -11.42
N TRP A 68 -31.33 -17.47 -12.17
CA TRP A 68 -30.93 -18.54 -13.07
C TRP A 68 -30.37 -19.69 -12.25
N VAL A 69 -30.71 -20.90 -12.63
CA VAL A 69 -30.21 -22.14 -12.07
C VAL A 69 -29.35 -22.80 -13.14
N VAL A 70 -28.05 -22.96 -12.87
CA VAL A 70 -27.10 -23.42 -13.86
C VAL A 70 -26.61 -24.80 -13.42
N THR A 71 -26.92 -25.80 -14.23
CA THR A 71 -26.54 -27.17 -13.93
C THR A 71 -25.55 -27.80 -14.90
N GLY A 72 -25.28 -27.14 -16.03
CA GLY A 72 -24.33 -27.67 -17.01
C GLY A 72 -22.90 -27.37 -16.59
N TYR A 73 -22.01 -28.32 -16.89
CA TYR A 73 -20.62 -28.14 -16.52
C TYR A 73 -19.99 -26.93 -17.23
N ALA A 74 -20.17 -26.85 -18.54
CA ALA A 74 -19.55 -25.77 -19.31
C ALA A 74 -20.00 -24.40 -18.81
N GLU A 75 -21.28 -24.27 -18.52
CA GLU A 75 -21.80 -22.98 -18.10
C GLU A 75 -21.31 -22.62 -16.70
N CYS A 76 -21.31 -23.59 -15.77
CA CYS A 76 -20.79 -23.28 -14.44
C CYS A 76 -19.33 -22.89 -14.53
N ARG A 77 -18.54 -23.66 -15.30
CA ARG A 77 -17.13 -23.33 -15.43
C ARG A 77 -16.94 -21.92 -16.01
N GLN A 78 -17.73 -21.58 -17.03
CA GLN A 78 -17.65 -20.23 -17.62
C GLN A 78 -17.90 -19.15 -16.60
N VAL A 79 -19.00 -19.29 -15.84
CA VAL A 79 -19.41 -18.21 -14.94
C VAL A 79 -18.41 -18.05 -13.81
N LEU A 80 -17.91 -19.17 -13.28
CA LEU A 80 -16.95 -19.08 -12.18
C LEU A 80 -15.71 -18.28 -12.59
N GLY A 81 -15.22 -18.48 -13.79
CA GLY A 81 -13.97 -17.84 -14.14
C GLY A 81 -14.09 -16.42 -14.64
N ASP A 82 -15.29 -15.88 -14.79
CA ASP A 82 -15.50 -14.55 -15.42
C ASP A 82 -15.99 -13.57 -14.36
N THR A 83 -15.03 -12.93 -13.69
CA THR A 83 -15.39 -11.94 -12.67
C THR A 83 -15.64 -10.57 -13.26
N THR A 84 -15.39 -10.40 -14.55
CA THR A 84 -15.69 -9.15 -15.20
C THR A 84 -17.18 -9.00 -15.41
N ASN A 85 -17.84 -10.08 -15.81
CA ASN A 85 -19.26 -10.02 -16.10
C ASN A 85 -20.10 -10.64 -14.99
N PHE A 86 -19.49 -11.41 -14.10
CA PHE A 86 -20.26 -12.04 -13.04
C PHE A 86 -19.47 -11.88 -11.77
N GLY A 87 -20.11 -11.34 -10.74
CA GLY A 87 -19.39 -10.96 -9.55
C GLY A 87 -20.00 -11.56 -8.30
N SER A 88 -19.23 -11.39 -7.24
CA SER A 88 -19.64 -11.73 -5.90
C SER A 88 -19.84 -10.49 -5.03
N ASP A 89 -19.49 -9.30 -5.51
CA ASP A 89 -19.65 -8.07 -4.73
C ASP A 89 -20.91 -7.37 -5.28
N PHE A 90 -22.01 -7.45 -4.52
CA PHE A 90 -23.26 -6.88 -5.01
C PHE A 90 -23.25 -5.36 -5.14
N ARG A 91 -22.24 -4.69 -4.57
CA ARG A 91 -22.08 -3.25 -4.79
C ARG A 91 -21.87 -2.92 -6.26
N ARG A 92 -21.41 -3.88 -7.05
CA ARG A 92 -21.19 -3.65 -8.47
C ARG A 92 -22.50 -3.59 -9.23
N ILE A 93 -23.63 -3.92 -8.60
CA ILE A 93 -24.94 -3.69 -9.19
C ILE A 93 -25.76 -2.73 -8.33
N ASP A 94 -25.08 -1.83 -7.62
CA ASP A 94 -25.72 -0.72 -6.90
C ASP A 94 -26.53 -1.18 -5.70
N VAL A 95 -26.12 -2.25 -5.06
CA VAL A 95 -26.68 -2.68 -3.78
C VAL A 95 -25.82 -2.14 -2.66
N GLU A 96 -26.48 -1.63 -1.62
CA GLU A 96 -25.77 -1.02 -0.51
C GLU A 96 -25.17 -2.12 0.35
N ILE A 97 -23.86 -2.08 0.55
CA ILE A 97 -23.17 -3.05 1.40
C ILE A 97 -22.28 -2.26 2.34
N PRO A 98 -22.53 -2.25 3.65
CA PRO A 98 -21.65 -1.49 4.55
C PRO A 98 -20.22 -2.03 4.55
N ASP A 99 -19.26 -1.13 4.79
CA ASP A 99 -17.86 -1.52 4.77
C ASP A 99 -17.54 -2.56 5.83
N THR A 100 -18.33 -2.60 6.91
CA THR A 100 -18.07 -3.51 8.01
C THR A 100 -18.42 -4.96 7.68
N GLN A 101 -19.10 -5.23 6.55
CA GLN A 101 -19.49 -6.59 6.21
C GLN A 101 -18.66 -7.18 5.08
N LEU A 102 -17.75 -6.39 4.51
CA LEU A 102 -16.95 -6.87 3.40
C LEU A 102 -16.01 -7.99 3.82
N SER A 103 -15.78 -8.92 2.90
CA SER A 103 -15.00 -10.12 3.18
C SER A 103 -14.43 -10.66 1.89
N VAL A 104 -13.44 -11.56 2.01
CA VAL A 104 -12.76 -12.09 0.83
C VAL A 104 -13.77 -12.72 -0.13
N GLN A 105 -14.81 -13.39 0.39
CA GLN A 105 -15.77 -14.07 -0.49
C GLN A 105 -16.75 -13.12 -1.19
N SER A 106 -16.87 -11.87 -0.74
CA SER A 106 -17.83 -10.90 -1.27
C SER A 106 -17.13 -9.67 -1.87
N LEU A 107 -15.83 -9.79 -2.16
CA LEU A 107 -15.06 -8.74 -2.83
C LEU A 107 -14.62 -9.29 -4.17
N ASP A 108 -14.58 -8.42 -5.15
CA ASP A 108 -14.11 -8.77 -6.46
C ASP A 108 -12.89 -7.95 -6.84
N PRO A 109 -12.15 -8.31 -7.87
CA PRO A 109 -11.01 -7.49 -8.25
C PRO A 109 -11.42 -6.04 -8.47
N PRO A 110 -10.54 -5.09 -8.14
CA PRO A 110 -9.21 -5.28 -7.59
C PRO A 110 -9.20 -5.39 -6.08
N GLU A 111 -10.30 -5.05 -5.38
CA GLU A 111 -10.27 -5.11 -3.92
C GLU A 111 -10.00 -6.53 -3.41
N HIS A 112 -10.47 -7.53 -4.15
CA HIS A 112 -10.30 -8.91 -3.70
C HIS A 112 -8.84 -9.31 -3.58
N GLY A 113 -7.98 -8.77 -4.47
CA GLY A 113 -6.61 -9.25 -4.56
C GLY A 113 -5.81 -9.03 -3.29
N ALA A 114 -6.00 -7.90 -2.62
CA ALA A 114 -5.18 -7.63 -1.45
C ALA A 114 -5.45 -8.67 -0.35
N ILE A 115 -6.72 -8.84 0.04
CA ILE A 115 -7.02 -9.79 1.10
C ILE A 115 -6.76 -11.23 0.66
N ARG A 116 -7.07 -11.57 -0.60
CA ARG A 116 -6.80 -12.93 -1.08
C ARG A 116 -5.31 -13.27 -1.00
N HIS A 117 -4.44 -12.40 -1.53
CA HIS A 117 -3.00 -12.65 -1.49
C HIS A 117 -2.52 -12.72 -0.04
N LEU A 118 -3.09 -11.88 0.84
CA LEU A 118 -2.73 -11.93 2.26
C LEU A 118 -2.99 -13.32 2.84
N LEU A 119 -4.18 -13.87 2.55
CA LEU A 119 -4.56 -15.17 3.08
C LEU A 119 -3.72 -16.29 2.48
N VAL A 120 -3.46 -16.20 1.16
CA VAL A 120 -2.63 -17.22 0.49
C VAL A 120 -1.23 -17.19 1.04
N SER A 121 -0.69 -15.99 1.28
CA SER A 121 0.66 -15.83 1.83
C SER A 121 0.74 -16.46 3.22
N ALA A 122 -0.28 -16.22 4.06
CA ALA A 122 -0.29 -16.82 5.39
C ALA A 122 -0.40 -18.34 5.30
N LEU A 123 -1.20 -18.85 4.35
CA LEU A 123 -1.29 -20.29 4.14
C LEU A 123 0.05 -20.89 3.73
N HIS A 124 0.71 -20.23 2.78
CA HIS A 124 1.95 -20.74 2.20
C HIS A 124 3.11 -20.71 3.19
N GLU A 125 2.96 -19.95 4.24
CA GLU A 125 3.97 -19.92 5.27
C GLU A 125 3.90 -21.13 6.17
N GLN A 126 2.81 -21.90 6.15
CA GLN A 126 2.68 -23.05 7.05
C GLN A 126 3.46 -24.24 6.51
N PRO A 127 4.40 -24.81 7.27
CA PRO A 127 5.15 -25.98 6.79
C PRO A 127 4.23 -27.18 6.67
N LEU A 128 4.23 -27.76 5.46
CA LEU A 128 3.31 -28.84 5.15
C LEU A 128 3.69 -30.11 5.89
N SER A 129 4.96 -30.34 6.20
CA SER A 129 5.28 -31.53 6.98
C SER A 129 4.54 -31.52 8.32
N THR A 130 4.54 -30.37 9.01
CA THR A 130 3.81 -30.24 10.27
C THR A 130 2.31 -30.36 10.05
N VAL A 131 1.80 -29.70 9.01
CA VAL A 131 0.38 -29.76 8.76
C VAL A 131 -0.04 -31.20 8.55
N ARG A 132 0.72 -31.94 7.74
CA ARG A 132 0.35 -33.32 7.46
C ARG A 132 0.43 -34.18 8.71
N GLN A 133 1.43 -33.94 9.56
CA GLN A 133 1.54 -34.69 10.79
C GLN A 133 0.36 -34.44 11.72
N GLN A 134 -0.07 -33.17 11.84
CA GLN A 134 -1.21 -32.81 12.67
C GLN A 134 -2.49 -33.43 12.14
N PHE A 135 -2.70 -33.33 10.82
CA PHE A 135 -3.92 -33.86 10.22
C PHE A 135 -3.98 -35.38 10.38
N ALA A 136 -2.85 -36.06 10.20
CA ALA A 136 -2.80 -37.51 10.32
C ALA A 136 -3.04 -37.94 11.77
N ALA A 137 -2.46 -37.21 12.74
CA ALA A 137 -2.64 -37.59 14.14
C ALA A 137 -4.07 -37.37 14.59
N ILE A 138 -4.71 -36.28 14.17
CA ILE A 138 -6.10 -36.03 14.53
C ILE A 138 -6.99 -37.14 13.97
N ALA A 139 -6.77 -37.49 12.68
CA ALA A 139 -7.62 -38.51 12.08
C ALA A 139 -7.42 -39.85 12.78
N ALA A 140 -6.16 -40.22 13.07
CA ALA A 140 -5.90 -41.50 13.73
C ALA A 140 -6.48 -41.56 15.14
N GLN A 141 -6.35 -40.47 15.90
CA GLN A 141 -6.85 -40.44 17.28
C GLN A 141 -8.36 -40.62 17.31
N HIS A 142 -9.06 -39.91 16.42
CA HIS A 142 -10.51 -39.99 16.48
C HIS A 142 -10.99 -41.33 15.96
N LEU A 143 -10.24 -41.95 15.04
CA LEU A 143 -10.60 -43.30 14.67
C LEU A 143 -10.35 -44.28 15.81
N ALA A 144 -9.24 -44.12 16.54
CA ALA A 144 -8.92 -45.03 17.64
C ALA A 144 -9.98 -44.93 18.75
N GLU A 145 -10.57 -43.76 18.93
CA GLU A 145 -11.63 -43.60 19.94
C GLU A 145 -12.82 -44.47 19.58
N LEU A 146 -12.98 -44.79 18.30
CA LEU A 146 -14.08 -45.63 17.82
C LEU A 146 -13.81 -47.11 18.02
N SER A 147 -12.56 -47.53 18.17
CA SER A 147 -12.26 -48.95 18.34
C SER A 147 -12.71 -49.41 19.71
N GLY A 148 -13.42 -50.53 19.74
CA GLY A 148 -13.93 -51.02 21.00
C GLY A 148 -15.35 -50.62 21.24
N GLN A 149 -15.97 -49.93 20.30
CA GLN A 149 -17.36 -49.55 20.43
C GLN A 149 -18.24 -50.72 20.06
N PRO A 150 -19.02 -51.31 20.98
CA PRO A 150 -19.81 -52.47 20.60
C PRO A 150 -21.20 -52.21 20.03
N GLY A 151 -21.71 -50.99 20.16
CA GLY A 151 -23.01 -50.60 19.68
C GLY A 151 -22.93 -49.77 18.42
N THR A 152 -24.02 -49.08 18.14
CA THR A 152 -24.12 -48.20 16.98
C THR A 152 -23.48 -46.85 17.35
N VAL A 153 -22.66 -46.32 16.47
CA VAL A 153 -22.01 -45.03 16.63
C VAL A 153 -22.37 -44.15 15.45
N ASP A 154 -22.56 -42.86 15.72
CA ASP A 154 -22.88 -41.90 14.66
C ASP A 154 -21.58 -41.24 14.18
N LEU A 155 -21.20 -41.51 12.96
CA LEU A 155 -19.93 -41.00 12.44
C LEU A 155 -19.93 -39.50 12.19
N VAL A 156 -21.10 -38.87 12.09
CA VAL A 156 -21.12 -37.41 11.93
C VAL A 156 -20.61 -36.74 13.21
N SER A 157 -21.27 -37.01 14.34
CA SER A 157 -20.88 -36.34 15.59
C SER A 157 -19.60 -36.90 16.21
N ARG A 158 -19.26 -38.16 15.94
CA ARG A 158 -18.11 -38.85 16.53
C ARG A 158 -16.84 -38.77 15.67
N PHE A 159 -16.95 -38.42 14.40
CA PHE A 159 -15.75 -38.35 13.59
C PHE A 159 -15.71 -37.10 12.72
N ALA A 160 -16.70 -36.95 11.84
CA ALA A 160 -16.57 -35.90 10.84
C ALA A 160 -16.44 -34.52 11.48
N ARG A 161 -17.35 -34.21 12.41
CA ARG A 161 -17.34 -32.89 13.03
C ARG A 161 -16.14 -32.68 13.93
N PRO A 162 -15.83 -33.56 14.88
CA PRO A 162 -14.65 -33.31 15.74
C PRO A 162 -13.34 -33.29 15.00
N VAL A 163 -13.16 -34.16 13.99
CA VAL A 163 -11.95 -34.11 13.17
C VAL A 163 -11.86 -32.77 12.46
N ALA A 164 -12.97 -32.35 11.85
CA ALA A 164 -12.90 -31.06 11.15
C ALA A 164 -12.57 -29.92 12.11
N LEU A 165 -13.16 -29.93 13.30
CA LEU A 165 -12.93 -28.80 14.21
C LEU A 165 -11.47 -28.77 14.67
N ARG A 166 -10.92 -29.93 15.06
CA ARG A 166 -9.53 -29.93 15.48
C ARG A 166 -8.60 -29.65 14.31
N THR A 167 -8.98 -30.06 13.08
CA THR A 167 -8.16 -29.82 11.89
C THR A 167 -8.05 -28.31 11.62
N ILE A 168 -9.20 -27.61 11.55
CA ILE A 168 -9.18 -26.19 11.23
C ILE A 168 -8.52 -25.39 12.35
N THR A 169 -8.77 -25.75 13.62
CA THR A 169 -8.12 -24.97 14.68
C THR A 169 -6.62 -25.26 14.80
N ALA A 170 -6.18 -26.48 14.50
CA ALA A 170 -4.75 -26.73 14.43
C ALA A 170 -4.12 -25.90 13.31
N PHE A 171 -4.78 -25.85 12.15
CA PHE A 171 -4.24 -25.03 11.08
C PHE A 171 -4.21 -23.55 11.46
N LEU A 172 -5.26 -23.06 12.11
CA LEU A 172 -5.29 -21.67 12.53
C LEU A 172 -4.33 -21.40 13.66
N GLY A 173 -3.94 -22.42 14.40
CA GLY A 173 -3.08 -22.22 15.56
C GLY A 173 -3.80 -21.65 16.76
N VAL A 174 -5.02 -22.13 17.02
CA VAL A 174 -5.82 -21.60 18.11
C VAL A 174 -6.43 -22.77 18.88
N PRO A 175 -6.77 -22.61 20.15
CA PRO A 175 -7.39 -23.70 20.91
C PRO A 175 -8.77 -24.00 20.37
N PRO A 176 -9.14 -25.27 20.25
CA PRO A 176 -10.48 -25.61 19.75
C PRO A 176 -11.55 -25.12 20.70
N PRO A 177 -12.60 -24.49 20.21
CA PRO A 177 -13.75 -24.23 21.07
C PRO A 177 -14.53 -25.52 21.33
N ASP A 178 -15.49 -25.43 22.24
CA ASP A 178 -16.35 -26.56 22.56
C ASP A 178 -17.06 -27.03 21.29
N GLY A 179 -16.93 -28.34 21.01
CA GLY A 179 -17.41 -28.86 19.74
C GLY A 179 -18.91 -28.76 19.56
N ALA A 180 -19.69 -29.16 20.59
CA ALA A 180 -21.15 -29.12 20.46
C ALA A 180 -21.67 -27.70 20.27
N GLY A 181 -21.19 -26.77 21.09
CA GLY A 181 -21.64 -25.38 20.96
C GLY A 181 -21.20 -24.79 19.63
N PHE A 182 -19.95 -25.06 19.26
CA PHE A 182 -19.48 -24.52 18.01
C PHE A 182 -20.30 -25.06 16.84
N GLU A 183 -20.61 -26.36 16.86
CA GLU A 183 -21.45 -26.91 15.80
C GLU A 183 -22.80 -26.20 15.78
N GLN A 184 -23.36 -25.84 16.93
CA GLN A 184 -24.68 -25.20 16.90
C GLN A 184 -24.65 -23.81 16.23
N TRP A 185 -23.68 -22.97 16.62
CA TRP A 185 -23.56 -21.66 15.96
C TRP A 185 -23.27 -21.83 14.47
N SER A 186 -22.32 -22.69 14.16
CA SER A 186 -21.95 -22.88 12.78
C SER A 186 -23.13 -23.37 11.96
N ASN A 187 -23.96 -24.26 12.54
CA ASN A 187 -25.09 -24.81 11.79
C ASN A 187 -26.08 -23.71 11.44
N ALA A 188 -26.28 -22.75 12.36
CA ALA A 188 -27.18 -21.63 12.06
C ALA A 188 -26.69 -20.88 10.83
N ILE A 189 -25.37 -20.71 10.69
CA ILE A 189 -24.87 -20.03 9.48
C ILE A 189 -25.13 -20.88 8.22
N VAL A 190 -24.90 -22.20 8.31
CA VAL A 190 -25.15 -23.05 7.15
C VAL A 190 -26.60 -22.95 6.70
N ARG A 191 -27.52 -23.08 7.66
N ARG A 191 -27.53 -23.06 7.66
CA ARG A 191 -28.95 -22.98 7.35
CA ARG A 191 -28.94 -22.99 7.33
C ARG A 191 -29.27 -21.64 6.70
C ARG A 191 -29.31 -21.63 6.76
N SER A 192 -28.63 -20.57 7.18
CA SER A 192 -28.98 -19.23 6.68
C SER A 192 -28.59 -19.07 5.21
N MET A 193 -27.71 -19.93 4.71
CA MET A 193 -27.39 -19.89 3.27
C MET A 193 -28.62 -20.20 2.41
N ASP A 194 -29.67 -20.80 2.99
CA ASP A 194 -30.89 -21.11 2.27
C ASP A 194 -32.00 -20.09 2.55
N ALA A 195 -31.64 -18.91 3.07
CA ALA A 195 -32.66 -17.91 3.43
C ALA A 195 -33.48 -17.42 2.24
N GLY A 196 -32.97 -17.52 1.00
CA GLY A 196 -33.78 -17.16 -0.16
C GLY A 196 -34.98 -18.07 -0.32
N ILE A 197 -34.88 -19.31 0.15
CA ILE A 197 -35.98 -20.27 0.13
C ILE A 197 -36.88 -20.14 1.37
N GLU A 198 -36.27 -20.04 2.54
CA GLU A 198 -36.95 -19.91 3.84
C GLU A 198 -36.39 -18.69 4.53
N PRO A 199 -37.03 -17.52 4.42
CA PRO A 199 -36.42 -16.28 4.94
C PRO A 199 -36.19 -16.31 6.43
N ALA A 200 -36.95 -17.11 7.19
CA ALA A 200 -36.78 -17.16 8.65
C ALA A 200 -35.40 -17.67 9.01
N ARG A 201 -34.70 -18.28 8.07
CA ARG A 201 -33.36 -18.76 8.35
C ARG A 201 -32.34 -17.63 8.40
N ALA A 202 -32.70 -16.42 7.98
CA ALA A 202 -31.67 -15.39 7.90
C ALA A 202 -31.24 -14.93 9.29
N GLU A 203 -32.19 -14.70 10.18
CA GLU A 203 -31.84 -14.05 11.45
C GLU A 203 -30.93 -14.89 12.32
N PRO A 204 -31.19 -16.17 12.56
CA PRO A 204 -30.22 -16.95 13.34
C PRO A 204 -28.81 -16.93 12.74
N GLY A 205 -28.70 -16.89 11.41
CA GLY A 205 -27.37 -16.82 10.82
C GLY A 205 -26.64 -15.55 11.21
N ASN A 206 -27.36 -14.42 11.22
CA ASN A 206 -26.71 -13.17 11.60
C ASN A 206 -26.26 -13.19 13.05
N GLN A 207 -27.08 -13.71 13.95
CA GLN A 207 -26.61 -13.78 15.33
C GLN A 207 -25.37 -14.64 15.41
N ALA A 208 -25.39 -15.77 14.68
CA ALA A 208 -24.27 -16.69 14.71
C ALA A 208 -23.02 -16.09 14.07
N ARG A 209 -23.19 -15.33 12.99
CA ARG A 209 -22.01 -14.69 12.40
C ARG A 209 -21.37 -13.77 13.43
N ALA A 210 -22.19 -13.04 14.19
CA ALA A 210 -21.63 -12.13 15.20
C ALA A 210 -20.88 -12.91 16.28
N GLU A 211 -21.40 -14.07 16.67
CA GLU A 211 -20.70 -14.89 17.65
C GLU A 211 -19.36 -15.35 17.11
N LEU A 212 -19.33 -15.81 15.86
CA LEU A 212 -18.05 -16.26 15.34
C LEU A 212 -17.10 -15.10 15.20
N SER A 213 -17.62 -13.88 14.96
CA SER A 213 -16.76 -12.71 14.87
C SER A 213 -16.08 -12.42 16.20
N ARG A 214 -16.84 -12.52 17.29
CA ARG A 214 -16.22 -12.29 18.58
C ARG A 214 -15.15 -13.34 18.85
N LEU A 215 -15.40 -14.57 18.43
CA LEU A 215 -14.38 -15.60 18.57
C LEU A 215 -13.13 -15.23 17.80
N VAL A 216 -13.31 -14.81 16.56
CA VAL A 216 -12.16 -14.46 15.74
C VAL A 216 -11.44 -13.25 16.32
N THR A 217 -12.19 -12.29 16.86
CA THR A 217 -11.55 -11.12 17.46
C THR A 217 -10.67 -11.55 18.63
N HIS A 218 -11.16 -12.49 19.44
CA HIS A 218 -10.33 -12.93 20.55
C HIS A 218 -9.05 -13.56 20.02
N TRP A 219 -9.14 -14.39 18.97
CA TRP A 219 -7.95 -15.04 18.44
C TRP A 219 -6.97 -14.02 17.87
N LEU A 220 -7.49 -13.01 17.15
CA LEU A 220 -6.60 -11.99 16.62
C LEU A 220 -5.84 -11.30 17.74
N ALA A 221 -6.46 -11.18 18.89
CA ALA A 221 -5.77 -10.48 19.97
C ALA A 221 -4.77 -11.37 20.66
N GLU A 222 -5.00 -12.70 20.69
CA GLU A 222 -4.25 -13.57 21.57
C GLU A 222 -3.48 -14.70 20.90
N ALA A 223 -3.68 -14.96 19.62
CA ALA A 223 -3.12 -16.16 19.02
C ALA A 223 -1.60 -16.11 18.96
N ASP A 224 -0.99 -17.27 19.13
CA ASP A 224 0.45 -17.44 19.01
C ASP A 224 0.88 -17.09 17.59
N GLU A 225 2.19 -16.82 17.44
CA GLU A 225 2.72 -16.53 16.12
C GLU A 225 2.71 -17.77 15.24
N ARG A 226 2.75 -18.94 15.85
CA ARG A 226 2.60 -20.18 15.10
C ARG A 226 1.16 -20.29 14.61
N GLY A 227 1.00 -20.64 13.35
CA GLY A 227 -0.29 -20.93 12.78
C GLY A 227 -0.73 -19.84 11.84
N PHE A 228 -1.89 -20.07 11.24
CA PHE A 228 -2.39 -19.19 10.20
C PHE A 228 -2.83 -17.83 10.74
N VAL A 229 -3.44 -17.77 11.92
CA VAL A 229 -3.90 -16.49 12.47
C VAL A 229 -2.72 -15.56 12.70
N GLY A 230 -1.64 -16.08 13.31
CA GLY A 230 -0.46 -15.27 13.51
C GLY A 230 0.13 -14.78 12.19
N ALA A 231 0.14 -15.65 11.16
CA ALA A 231 0.69 -15.24 9.86
C ALA A 231 -0.20 -14.20 9.20
N ALA A 232 -1.51 -14.36 9.26
CA ALA A 232 -2.42 -13.37 8.67
C ALA A 232 -2.30 -12.03 9.38
N ARG A 233 -2.15 -12.06 10.70
CA ARG A 233 -1.95 -10.83 11.45
C ARG A 233 -0.67 -10.16 10.99
N ARG A 234 0.40 -10.94 10.80
CA ARG A 234 1.65 -10.36 10.33
C ARG A 234 1.48 -9.75 8.94
N ALA A 235 0.84 -10.48 8.03
CA ALA A 235 0.69 -9.95 6.68
C ALA A 235 -0.08 -8.64 6.66
N ALA A 236 -1.12 -8.53 7.46
CA ALA A 236 -1.96 -7.34 7.44
C ALA A 236 -1.11 -6.12 7.82
N VAL A 241 -4.86 -3.84 4.46
CA VAL A 241 -6.27 -4.21 4.38
C VAL A 241 -7.08 -3.69 5.55
N PRO A 242 -8.34 -3.31 5.30
CA PRO A 242 -9.22 -2.90 6.40
C PRO A 242 -9.38 -3.99 7.45
N ALA A 243 -9.32 -3.59 8.72
CA ALA A 243 -9.44 -4.56 9.80
C ALA A 243 -10.74 -5.36 9.70
N ALA A 244 -11.83 -4.72 9.27
CA ALA A 244 -13.08 -5.46 9.13
C ALA A 244 -12.97 -6.57 8.09
N VAL A 245 -12.30 -6.29 6.98
CA VAL A 245 -12.13 -7.32 5.95
C VAL A 245 -11.29 -8.47 6.49
N LEU A 246 -10.23 -8.17 7.23
CA LEU A 246 -9.41 -9.25 7.75
C LEU A 246 -10.20 -10.13 8.71
N ALA A 247 -10.91 -9.51 9.66
CA ALA A 247 -11.67 -10.30 10.63
C ALA A 247 -12.77 -11.11 9.97
N ASN A 248 -13.54 -10.51 9.07
CA ASN A 248 -14.57 -11.28 8.39
C ASN A 248 -13.98 -12.40 7.55
N SER A 249 -12.82 -12.16 6.93
CA SER A 249 -12.20 -13.16 6.08
C SER A 249 -11.67 -14.31 6.92
N LEU A 250 -11.07 -14.02 8.07
CA LEU A 250 -10.68 -15.11 8.97
C LEU A 250 -11.90 -15.88 9.49
N ARG A 251 -13.00 -15.18 9.72
CA ARG A 251 -14.20 -15.90 10.11
C ARG A 251 -14.61 -16.85 8.99
N ALA A 252 -14.47 -16.38 7.74
CA ALA A 252 -14.76 -17.21 6.60
C ALA A 252 -13.84 -18.41 6.52
N VAL A 253 -12.55 -18.21 6.75
CA VAL A 253 -11.62 -19.34 6.75
C VAL A 253 -12.05 -20.36 7.80
N LEU A 254 -12.39 -19.87 9.00
CA LEU A 254 -12.81 -20.78 10.07
C LEU A 254 -14.07 -21.54 9.68
N HIS A 255 -15.10 -20.81 9.25
CA HIS A 255 -16.39 -21.46 9.01
C HIS A 255 -16.38 -22.29 7.76
N ALA A 256 -15.81 -21.76 6.68
CA ALA A 256 -15.66 -22.53 5.46
C ALA A 256 -14.80 -23.76 5.70
N GLY A 257 -13.68 -23.59 6.41
CA GLY A 257 -12.81 -24.72 6.66
C GLY A 257 -13.51 -25.80 7.46
N TYR A 258 -14.20 -25.41 8.55
CA TYR A 258 -14.89 -26.36 9.41
C TYR A 258 -16.04 -27.03 8.66
N GLU A 259 -16.93 -26.24 8.05
CA GLU A 259 -18.14 -26.84 7.52
C GLU A 259 -17.85 -27.65 6.26
N SER A 260 -16.96 -27.16 5.39
CA SER A 260 -16.65 -27.91 4.19
C SER A 260 -15.97 -29.22 4.52
N VAL A 261 -14.97 -29.19 5.42
CA VAL A 261 -14.30 -30.43 5.76
C VAL A 261 -15.24 -31.38 6.46
N SER A 262 -16.01 -30.89 7.43
CA SER A 262 -16.94 -31.74 8.15
C SER A 262 -17.91 -32.41 7.20
N ARG A 263 -18.48 -31.65 6.27
CA ARG A 263 -19.50 -32.21 5.39
C ARG A 263 -18.90 -33.09 4.31
N LEU A 264 -17.70 -32.76 3.80
CA LEU A 264 -17.02 -33.67 2.89
C LEU A 264 -16.77 -35.01 3.58
N LEU A 265 -16.22 -34.98 4.79
CA LEU A 265 -15.95 -36.24 5.47
C LEU A 265 -17.22 -37.04 5.68
N GLY A 266 -18.32 -36.39 6.07
CA GLY A 266 -19.55 -37.14 6.25
C GLY A 266 -19.99 -37.83 4.97
N GLY A 267 -19.99 -37.09 3.86
CA GLY A 267 -20.41 -37.70 2.60
C GLY A 267 -19.48 -38.80 2.12
N VAL A 268 -18.18 -38.57 2.25
CA VAL A 268 -17.20 -39.59 1.85
C VAL A 268 -17.37 -40.84 2.72
N LEU A 269 -17.52 -40.65 4.04
CA LEU A 269 -17.71 -41.81 4.91
C LEU A 269 -19.00 -42.55 4.56
N ALA A 270 -20.05 -41.82 4.22
CA ALA A 270 -21.28 -42.49 3.83
C ALA A 270 -21.03 -43.40 2.61
N ARG A 271 -20.24 -42.91 1.66
CA ARG A 271 -19.96 -43.74 0.50
C ARG A 271 -19.05 -44.90 0.88
N LEU A 272 -18.04 -44.65 1.70
CA LEU A 272 -17.12 -45.74 2.01
C LEU A 272 -17.81 -46.83 2.83
N VAL A 273 -18.74 -46.46 3.70
CA VAL A 273 -19.42 -47.48 4.51
C VAL A 273 -20.31 -48.34 3.63
N ARG A 274 -20.91 -47.76 2.57
CA ARG A 274 -21.72 -48.61 1.68
C ARG A 274 -20.87 -49.32 0.62
N HIS A 275 -19.68 -48.82 0.32
CA HIS A 275 -18.81 -49.38 -0.73
C HIS A 275 -17.41 -49.51 -0.20
N PRO A 276 -17.19 -50.41 0.77
CA PRO A 276 -15.84 -50.54 1.36
C PRO A 276 -14.77 -50.95 0.37
N GLU A 277 -15.14 -51.53 -0.75
CA GLU A 277 -14.17 -51.91 -1.76
C GLU A 277 -13.37 -50.69 -2.25
N LEU A 278 -13.89 -49.47 -2.07
CA LEU A 278 -13.15 -48.28 -2.48
C LEU A 278 -11.84 -48.18 -1.72
N LEU A 279 -11.78 -48.71 -0.51
CA LEU A 279 -10.55 -48.67 0.25
C LEU A 279 -9.67 -49.89 0.01
N ALA A 280 -10.12 -50.83 -0.80
CA ALA A 280 -9.37 -52.05 -1.08
C ALA A 280 -8.52 -51.92 -2.31
N GLY A 281 -8.26 -50.71 -2.76
CA GLY A 281 -7.47 -50.46 -3.94
C GLY A 281 -5.99 -50.45 -3.65
N PRO A 282 -5.19 -50.07 -4.65
CA PRO A 282 -3.73 -50.14 -4.46
C PRO A 282 -3.23 -49.30 -3.31
N ALA A 283 -3.85 -48.19 -3.00
CA ALA A 283 -3.44 -47.42 -1.83
C ALA A 283 -2.00 -46.92 -1.97
N THR A 284 -1.61 -46.55 -3.17
CA THR A 284 -0.38 -45.81 -3.39
C THR A 284 -0.76 -44.34 -3.46
N ARG A 285 0.24 -43.45 -3.36
CA ARG A 285 -0.04 -42.03 -3.45
C ARG A 285 -0.80 -41.68 -4.73
N ASP A 286 -0.39 -42.25 -5.86
CA ASP A 286 -1.06 -41.90 -7.11
C ASP A 286 -2.47 -42.54 -7.18
N ALA A 287 -2.61 -43.79 -6.74
CA ALA A 287 -3.94 -44.39 -6.77
C ALA A 287 -4.89 -43.61 -5.87
N ASP A 288 -4.41 -43.22 -4.69
CA ASP A 288 -5.27 -42.42 -3.81
C ASP A 288 -5.52 -41.03 -4.39
N GLU A 289 -4.60 -40.47 -5.19
CA GLU A 289 -4.89 -39.19 -5.86
C GLU A 289 -6.15 -39.29 -6.70
N ALA A 290 -6.21 -40.37 -7.53
CA ALA A 290 -7.38 -40.57 -8.38
C ALA A 290 -8.65 -40.81 -7.56
N LEU A 291 -8.53 -41.62 -6.50
CA LEU A 291 -9.68 -41.90 -5.64
C LEU A 291 -10.19 -40.65 -4.94
N VAL A 292 -9.28 -39.84 -4.38
CA VAL A 292 -9.67 -38.62 -3.69
C VAL A 292 -10.33 -37.66 -4.67
N ASP A 293 -9.79 -37.58 -5.89
CA ASP A 293 -10.38 -36.69 -6.88
C ASP A 293 -11.82 -37.10 -7.16
N GLU A 294 -12.07 -38.41 -7.26
CA GLU A 294 -13.44 -38.86 -7.51
C GLU A 294 -14.36 -38.63 -6.31
N LEU A 295 -13.86 -38.88 -5.09
CA LEU A 295 -14.65 -38.68 -3.90
C LEU A 295 -15.04 -37.21 -3.73
N ILE A 296 -14.12 -36.28 -4.03
CA ILE A 296 -14.42 -34.84 -3.95
C ILE A 296 -15.39 -34.45 -5.06
N ARG A 297 -15.18 -34.96 -6.28
CA ARG A 297 -16.14 -34.69 -7.35
C ARG A 297 -17.54 -35.13 -6.95
N LEU A 298 -17.65 -36.32 -6.36
CA LEU A 298 -18.99 -36.88 -6.11
C LEU A 298 -19.60 -36.32 -4.83
N ASP A 299 -18.79 -36.18 -3.78
CA ASP A 299 -19.33 -35.90 -2.46
C ASP A 299 -18.96 -34.51 -1.93
N GLY A 300 -18.33 -33.66 -2.74
CA GLY A 300 -18.08 -32.28 -2.38
C GLY A 300 -19.37 -31.68 -1.91
N PRO A 301 -19.36 -31.01 -0.76
CA PRO A 301 -20.64 -30.60 -0.15
C PRO A 301 -21.26 -29.35 -0.77
N VAL A 302 -20.51 -28.55 -1.52
CA VAL A 302 -21.08 -27.30 -2.05
C VAL A 302 -22.04 -27.63 -3.19
N GLN A 303 -23.34 -27.40 -2.96
CA GLN A 303 -24.36 -27.69 -3.96
C GLN A 303 -24.68 -26.46 -4.81
N ALA A 304 -24.49 -25.28 -4.27
CA ALA A 304 -24.90 -24.02 -4.92
C ALA A 304 -23.89 -22.93 -4.61
N ASP A 305 -23.58 -22.13 -5.62
CA ASP A 305 -22.55 -21.09 -5.56
C ASP A 305 -23.07 -19.91 -6.38
N ALA A 306 -23.32 -18.78 -5.74
CA ALA A 306 -24.09 -17.73 -6.40
C ALA A 306 -23.18 -16.63 -6.96
N ARG A 307 -23.67 -15.98 -8.00
CA ARG A 307 -23.01 -14.81 -8.60
C ARG A 307 -24.09 -13.83 -9.02
N VAL A 308 -23.72 -12.56 -9.21
CA VAL A 308 -24.60 -11.57 -9.81
C VAL A 308 -24.01 -11.16 -11.15
N CYS A 309 -24.87 -10.96 -12.14
CA CYS A 309 -24.43 -10.50 -13.44
C CYS A 309 -24.20 -8.99 -13.37
N VAL A 310 -22.97 -8.57 -13.67
CA VAL A 310 -22.62 -7.14 -13.66
C VAL A 310 -22.75 -6.51 -15.05
N ARG A 311 -22.61 -7.33 -16.11
CA ARG A 311 -22.71 -6.87 -17.50
C ARG A 311 -23.35 -7.97 -18.32
N ASP A 312 -24.29 -7.58 -19.17
CA ASP A 312 -25.01 -8.55 -20.00
C ASP A 312 -24.00 -9.51 -20.64
N GLN A 313 -24.30 -10.80 -20.56
CA GLN A 313 -23.40 -11.81 -21.09
C GLN A 313 -24.10 -13.12 -21.37
N PRO A 314 -23.83 -13.74 -22.51
CA PRO A 314 -24.36 -15.08 -22.81
C PRO A 314 -23.71 -16.10 -21.89
N VAL A 315 -24.52 -17.04 -21.40
CA VAL A 315 -24.09 -18.19 -20.61
C VAL A 315 -24.79 -19.31 -21.34
N GLY A 316 -24.02 -20.21 -21.90
CA GLY A 316 -24.58 -21.23 -22.74
C GLY A 316 -25.27 -20.50 -23.87
N ALA A 317 -26.49 -20.90 -24.15
CA ALA A 317 -27.31 -20.26 -25.18
C ALA A 317 -28.08 -19.08 -24.64
N GLN A 318 -27.98 -18.74 -23.35
CA GLN A 318 -28.94 -17.82 -22.75
C GLN A 318 -28.24 -16.48 -22.55
N LEU A 319 -29.00 -15.41 -22.69
CA LEU A 319 -28.49 -14.10 -22.33
C LEU A 319 -28.84 -13.71 -20.90
N VAL A 320 -27.86 -13.64 -20.09
CA VAL A 320 -28.00 -13.18 -18.72
C VAL A 320 -27.78 -11.67 -18.70
N ARG A 321 -28.62 -10.95 -17.94
CA ARG A 321 -28.63 -9.50 -17.96
C ARG A 321 -28.12 -8.94 -16.62
N ARG A 322 -27.49 -7.76 -16.73
CA ARG A 322 -27.01 -7.06 -15.54
C ARG A 322 -28.11 -7.02 -14.49
N GLY A 323 -27.76 -7.39 -13.27
CA GLY A 323 -28.70 -7.45 -12.19
C GLY A 323 -29.25 -8.83 -11.93
N ASP A 324 -29.16 -9.74 -12.91
CA ASP A 324 -29.64 -11.10 -12.65
C ASP A 324 -28.76 -11.82 -11.64
N VAL A 325 -29.38 -12.65 -10.83
CA VAL A 325 -28.67 -13.54 -9.93
C VAL A 325 -28.58 -14.90 -10.63
N LEU A 326 -27.42 -15.55 -10.50
CA LEU A 326 -27.21 -16.92 -10.98
C LEU A 326 -26.80 -17.80 -9.81
N VAL A 327 -27.43 -18.97 -9.70
CA VAL A 327 -27.01 -19.99 -8.75
C VAL A 327 -26.37 -21.12 -9.54
N LEU A 328 -25.09 -21.32 -9.34
CA LEU A 328 -24.32 -22.34 -10.03
C LEU A 328 -24.42 -23.61 -9.22
N PHE A 329 -25.11 -24.61 -9.77
CA PHE A 329 -25.27 -25.89 -9.07
C PHE A 329 -24.01 -26.72 -9.36
N ILE A 330 -22.95 -26.41 -8.63
CA ILE A 330 -21.68 -27.02 -9.04
C ILE A 330 -21.65 -28.53 -8.77
N ALA A 331 -22.37 -29.03 -7.76
CA ALA A 331 -22.43 -30.49 -7.59
C ALA A 331 -23.14 -31.18 -8.76
N ALA A 332 -24.16 -30.50 -9.33
CA ALA A 332 -24.81 -30.98 -10.53
C ALA A 332 -23.86 -30.92 -11.73
N ALA A 333 -23.08 -29.84 -11.83
CA ALA A 333 -22.11 -29.77 -12.92
C ALA A 333 -21.10 -30.90 -12.86
N ASN A 334 -20.73 -31.31 -11.64
CA ASN A 334 -19.82 -32.41 -11.42
C ASN A 334 -20.46 -33.79 -11.72
N ARG A 335 -21.73 -33.83 -12.11
CA ARG A 335 -22.34 -35.08 -12.60
C ARG A 335 -22.81 -34.92 -14.05
N ASP A 336 -22.31 -33.92 -14.77
CA ASP A 336 -22.70 -33.71 -16.15
C ASP A 336 -22.11 -34.83 -16.99
N PRO A 337 -22.93 -35.67 -17.62
CA PRO A 337 -22.37 -36.85 -18.31
C PRO A 337 -21.59 -36.51 -19.56
N ALA A 338 -21.73 -35.31 -20.11
CA ALA A 338 -20.90 -34.97 -21.25
C ALA A 338 -19.42 -34.85 -20.87
N VAL A 339 -19.14 -34.60 -19.61
CA VAL A 339 -17.79 -34.47 -19.11
C VAL A 339 -17.37 -35.64 -18.24
N PHE A 340 -18.30 -36.27 -17.52
CA PHE A 340 -18.06 -37.37 -16.60
C PHE A 340 -19.01 -38.51 -17.00
N PRO A 341 -18.65 -39.27 -18.03
CA PRO A 341 -19.49 -40.43 -18.42
C PRO A 341 -19.70 -41.36 -17.25
N ASP A 342 -20.90 -41.94 -17.13
CA ASP A 342 -21.27 -42.69 -15.94
C ASP A 342 -21.06 -41.83 -14.70
N PRO A 343 -21.72 -40.67 -14.63
CA PRO A 343 -21.30 -39.63 -13.67
C PRO A 343 -21.44 -39.99 -12.23
N ASP A 344 -22.32 -40.91 -11.88
CA ASP A 344 -22.55 -41.24 -10.48
C ASP A 344 -21.57 -42.27 -9.94
N ALA A 345 -20.63 -42.72 -10.75
CA ALA A 345 -19.72 -43.78 -10.34
C ALA A 345 -18.31 -43.23 -10.12
N VAL A 346 -17.62 -43.86 -9.16
CA VAL A 346 -16.19 -43.65 -8.99
C VAL A 346 -15.51 -44.36 -10.16
N ARG A 347 -14.78 -43.60 -10.96
CA ARG A 347 -14.00 -44.13 -12.06
C ARG A 347 -12.59 -43.59 -11.93
N LEU A 348 -11.61 -44.48 -11.79
CA LEU A 348 -10.26 -44.09 -11.42
C LEU A 348 -9.42 -43.66 -12.61
N THR A 349 -9.98 -43.63 -13.82
CA THR A 349 -9.24 -43.33 -15.04
C THR A 349 -9.69 -42.05 -15.72
N ARG A 350 -10.43 -41.19 -15.00
CA ARG A 350 -10.85 -39.92 -15.56
C ARG A 350 -9.67 -38.97 -15.59
N ARG A 351 -9.75 -38.01 -16.49
CA ARG A 351 -8.80 -36.90 -16.53
C ARG A 351 -8.95 -36.04 -15.28
N ARG A 352 -7.81 -35.71 -14.67
CA ARG A 352 -7.74 -34.85 -13.49
C ARG A 352 -7.92 -33.38 -13.85
N GLY A 353 -8.32 -32.57 -12.86
CA GLY A 353 -8.43 -31.12 -13.02
C GLY A 353 -9.72 -30.64 -13.61
N LEU A 354 -10.75 -31.47 -13.63
CA LEU A 354 -12.00 -31.11 -14.24
C LEU A 354 -13.04 -30.68 -13.22
N HIS A 355 -13.15 -31.36 -12.09
CA HIS A 355 -14.31 -31.09 -11.25
C HIS A 355 -14.28 -29.65 -10.71
N LEU A 356 -15.46 -29.17 -10.35
CA LEU A 356 -15.68 -27.81 -9.91
C LEU A 356 -15.95 -27.74 -8.41
N ALA A 357 -15.66 -28.81 -7.65
CA ALA A 357 -16.07 -28.84 -6.24
C ALA A 357 -15.33 -27.81 -5.39
N PHE A 358 -14.17 -27.33 -5.87
CA PHE A 358 -13.47 -26.25 -5.23
C PHE A 358 -13.67 -24.92 -5.93
N GLY A 359 -14.59 -24.84 -6.86
CA GLY A 359 -14.74 -23.62 -7.63
C GLY A 359 -13.67 -23.49 -8.70
N ARG A 360 -13.53 -22.27 -9.21
CA ARG A 360 -12.58 -22.03 -10.29
C ARG A 360 -12.38 -20.52 -10.44
N GLY A 361 -11.16 -20.11 -10.73
CA GLY A 361 -10.94 -18.72 -10.94
C GLY A 361 -10.58 -17.96 -9.71
N ALA A 362 -10.95 -16.69 -9.67
CA ALA A 362 -10.39 -15.82 -8.64
C ALA A 362 -10.74 -16.28 -7.24
N HIS A 363 -11.94 -16.81 -7.05
CA HIS A 363 -12.42 -17.20 -5.75
C HIS A 363 -12.23 -18.69 -5.46
N ALA A 364 -11.45 -19.39 -6.28
CA ALA A 364 -11.27 -20.83 -6.05
C ALA A 364 -10.77 -21.09 -4.64
N CYS A 365 -11.22 -22.22 -4.11
CA CYS A 365 -11.07 -22.52 -2.70
C CYS A 365 -9.61 -22.34 -2.26
N LEU A 366 -9.42 -21.47 -1.25
CA LEU A 366 -8.12 -21.24 -0.62
C LEU A 366 -7.54 -22.50 0.02
N GLY A 367 -8.40 -23.38 0.49
CA GLY A 367 -7.94 -24.55 1.20
C GLY A 367 -7.99 -25.81 0.37
N ALA A 368 -8.10 -25.69 -0.97
CA ALA A 368 -8.25 -26.91 -1.79
C ALA A 368 -7.10 -27.88 -1.54
N GLY A 369 -5.85 -27.39 -1.43
CA GLY A 369 -4.74 -28.28 -1.16
C GLY A 369 -4.78 -28.90 0.23
N LEU A 370 -5.19 -28.11 1.22
CA LEU A 370 -5.34 -28.62 2.58
C LEU A 370 -6.40 -29.68 2.63
N ALA A 371 -7.50 -29.46 1.92
CA ALA A 371 -8.61 -30.40 1.95
C ALA A 371 -8.23 -31.71 1.28
N THR A 372 -7.49 -31.66 0.17
CA THR A 372 -7.10 -32.92 -0.45
C THR A 372 -6.08 -33.67 0.43
N LEU A 373 -5.11 -32.95 1.01
CA LEU A 373 -4.18 -33.56 1.95
C LEU A 373 -4.89 -34.20 3.13
N GLN A 374 -5.89 -33.49 3.67
CA GLN A 374 -6.63 -33.99 4.82
C GLN A 374 -7.39 -35.26 4.46
N LEU A 375 -8.10 -35.26 3.33
CA LEU A 375 -8.84 -36.46 2.97
C LEU A 375 -7.92 -37.64 2.69
N ARG A 376 -6.77 -37.38 2.07
CA ARG A 376 -5.78 -38.44 1.87
C ARG A 376 -5.42 -39.06 3.21
N GLU A 377 -5.15 -38.21 4.21
CA GLU A 377 -4.76 -38.71 5.54
C GLU A 377 -5.88 -39.51 6.19
N VAL A 378 -7.13 -39.11 5.99
CA VAL A 378 -8.24 -39.90 6.53
C VAL A 378 -8.27 -41.30 5.90
N LEU A 379 -8.14 -41.35 4.59
CA LEU A 379 -8.13 -42.66 3.93
C LEU A 379 -7.01 -43.52 4.48
N GLY A 380 -5.83 -42.93 4.66
CA GLY A 380 -4.71 -43.70 5.19
C GLY A 380 -4.95 -44.18 6.61
N ALA A 381 -5.58 -43.35 7.42
CA ALA A 381 -5.87 -43.77 8.79
C ALA A 381 -6.87 -44.90 8.83
N LEU A 382 -7.88 -44.84 7.96
CA LEU A 382 -8.87 -45.91 7.90
C LEU A 382 -8.22 -47.22 7.52
N ARG A 383 -7.34 -47.18 6.52
CA ARG A 383 -6.66 -48.41 6.11
C ARG A 383 -5.76 -48.96 7.22
N ALA A 384 -5.04 -48.07 7.92
CA ALA A 384 -4.16 -48.55 8.99
C ALA A 384 -4.95 -48.96 10.23
N GLY A 385 -6.17 -48.48 10.40
CA GLY A 385 -6.92 -48.80 11.59
C GLY A 385 -7.43 -50.21 11.56
N GLY A 386 -7.61 -50.78 10.38
CA GLY A 386 -8.11 -52.14 10.29
C GLY A 386 -9.49 -52.30 10.86
N LEU A 387 -10.29 -51.23 10.90
CA LEU A 387 -11.64 -51.27 11.45
C LEU A 387 -12.64 -51.41 10.31
N ARG A 388 -13.65 -52.24 10.51
CA ARG A 388 -14.74 -52.35 9.55
C ARG A 388 -15.94 -51.58 10.09
N LEU A 389 -16.48 -50.68 9.25
CA LEU A 389 -17.53 -49.74 9.64
C LEU A 389 -18.75 -50.11 8.79
N ALA A 390 -19.67 -50.90 9.36
CA ALA A 390 -20.85 -51.37 8.61
C ALA A 390 -22.07 -50.52 8.90
N PRO A 391 -22.97 -50.31 7.93
CA PRO A 391 -24.18 -49.53 8.21
C PRO A 391 -25.04 -50.15 9.30
N ALA A 392 -25.52 -49.28 10.20
CA ALA A 392 -26.43 -49.64 11.26
C ALA A 392 -27.75 -48.88 11.17
N GLY A 393 -28.19 -48.57 9.96
CA GLY A 393 -29.31 -47.71 9.72
C GLY A 393 -28.97 -46.80 8.56
N PRO A 394 -29.96 -46.07 8.04
CA PRO A 394 -29.73 -45.24 6.85
C PRO A 394 -28.94 -43.97 7.11
N ALA A 395 -28.20 -43.52 6.08
CA ALA A 395 -27.70 -42.16 6.12
C ALA A 395 -28.90 -41.23 6.16
N ALA A 396 -28.89 -40.28 7.08
CA ALA A 396 -29.96 -39.29 7.20
C ALA A 396 -29.36 -37.92 6.91
N TYR A 397 -30.01 -37.17 6.03
CA TYR A 397 -29.49 -35.89 5.56
C TYR A 397 -30.26 -34.74 6.19
N GLU A 398 -29.51 -33.69 6.54
CA GLU A 398 -30.04 -32.47 7.13
C GLU A 398 -30.74 -31.63 6.05
N PRO A 399 -31.80 -30.86 6.42
CA PRO A 399 -32.50 -29.95 5.46
C PRO A 399 -31.70 -28.69 5.20
N THR A 400 -30.55 -28.89 4.56
CA THR A 400 -29.68 -27.82 4.09
C THR A 400 -29.45 -28.03 2.60
N ALA A 401 -29.78 -27.03 1.80
CA ALA A 401 -29.73 -27.19 0.37
C ALA A 401 -28.44 -26.66 -0.26
N THR A 402 -27.87 -25.57 0.27
CA THR A 402 -26.66 -24.99 -0.33
C THR A 402 -25.42 -25.82 -0.02
N LEU A 403 -25.26 -26.26 1.22
CA LEU A 403 -24.16 -27.07 1.72
C LEU A 403 -24.74 -28.39 2.21
N ARG A 404 -24.53 -29.45 1.44
CA ARG A 404 -25.09 -30.75 1.79
C ARG A 404 -24.44 -31.32 3.03
N GLY A 405 -25.24 -31.93 3.88
CA GLY A 405 -24.69 -32.51 5.09
C GLY A 405 -25.57 -33.60 5.65
N LEU A 406 -24.92 -34.59 6.24
CA LEU A 406 -25.60 -35.67 6.92
C LEU A 406 -26.03 -35.20 8.31
N ALA A 407 -27.22 -35.59 8.69
CA ALA A 407 -27.60 -35.39 10.08
C ALA A 407 -27.07 -36.50 10.95
N GLU A 408 -26.92 -37.68 10.39
CA GLU A 408 -26.52 -38.85 11.17
C GLU A 408 -26.01 -39.91 10.21
N LEU A 409 -24.97 -40.63 10.64
CA LEU A 409 -24.43 -41.73 9.86
C LEU A 409 -24.16 -42.87 10.83
N PRO A 410 -25.16 -43.69 11.12
CA PRO A 410 -25.03 -44.73 12.16
C PRO A 410 -24.34 -45.96 11.60
N VAL A 411 -23.33 -46.44 12.33
CA VAL A 411 -22.58 -47.63 11.93
C VAL A 411 -22.27 -48.49 13.16
N SER A 412 -21.98 -49.76 12.90
CA SER A 412 -21.39 -50.67 13.89
C SER A 412 -19.91 -50.79 13.55
N VAL A 413 -19.08 -50.91 14.60
CA VAL A 413 -17.64 -51.03 14.46
C VAL A 413 -17.19 -52.44 14.80
N ARG A 414 -16.45 -53.06 13.89
CA ARG A 414 -15.97 -54.44 14.06
C ARG A 414 -14.47 -54.48 13.74
N PRO B 33 4.98 9.06 -30.11
CA PRO B 33 5.40 8.53 -28.79
C PRO B 33 6.33 7.33 -28.96
N ILE B 34 6.45 6.84 -30.19
CA ILE B 34 7.26 5.66 -30.46
C ILE B 34 8.73 5.96 -30.19
N TYR B 35 9.44 5.00 -29.63
CA TYR B 35 10.85 5.14 -29.40
C TYR B 35 11.50 3.75 -29.36
N ASP B 36 12.80 3.72 -29.55
CA ASP B 36 13.59 2.49 -29.47
C ASP B 36 13.99 2.21 -28.01
N PRO B 37 13.46 1.16 -27.38
CA PRO B 37 13.75 0.94 -25.94
C PRO B 37 15.25 0.74 -25.64
N LEU B 38 16.06 0.38 -26.63
CA LEU B 38 17.49 0.17 -26.42
C LEU B 38 18.33 1.34 -26.94
N ALA B 39 17.71 2.40 -27.42
CA ALA B 39 18.49 3.55 -27.86
C ALA B 39 19.25 4.15 -26.67
N PRO B 40 20.50 4.58 -26.88
CA PRO B 40 21.29 5.15 -25.77
C PRO B 40 20.60 6.31 -25.09
N SER B 41 19.90 7.16 -25.83
CA SER B 41 19.22 8.28 -25.19
C SER B 41 18.07 7.80 -24.32
N VAL B 42 17.38 6.72 -24.71
CA VAL B 42 16.32 6.15 -23.90
C VAL B 42 16.90 5.47 -22.67
N ILE B 43 17.93 4.62 -22.86
CA ILE B 43 18.58 3.92 -21.75
C ILE B 43 19.15 4.91 -20.75
N ALA B 44 19.60 6.08 -21.19
CA ALA B 44 20.17 7.05 -20.24
C ALA B 44 19.13 7.51 -19.22
N ASP B 45 17.86 7.66 -19.62
CA ASP B 45 16.73 8.02 -18.76
C ASP B 45 15.41 7.70 -19.46
N PRO B 46 14.82 6.52 -19.22
CA PRO B 46 13.61 6.14 -19.97
C PRO B 46 12.36 6.75 -19.42
N TYR B 47 12.37 7.32 -18.21
CA TYR B 47 11.10 7.72 -17.58
C TYR B 47 10.35 8.82 -18.33
N PRO B 48 10.99 9.81 -18.92
CA PRO B 48 10.21 10.74 -19.78
C PRO B 48 9.56 10.07 -20.99
N PHE B 49 10.19 9.03 -21.55
CA PHE B 49 9.58 8.30 -22.66
C PHE B 49 8.39 7.48 -22.18
N TYR B 50 8.53 6.82 -21.01
CA TYR B 50 7.36 6.15 -20.44
C TYR B 50 6.23 7.14 -20.23
N ARG B 51 6.56 8.34 -19.73
CA ARG B 51 5.50 9.30 -19.42
C ARG B 51 4.80 9.78 -20.68
N LYS B 52 5.53 10.02 -21.76
CA LYS B 52 4.84 10.44 -22.98
C LYS B 52 3.92 9.34 -23.51
N LEU B 53 4.38 8.09 -23.47
CA LEU B 53 3.50 7.01 -23.87
C LEU B 53 2.25 6.96 -23.01
N ARG B 54 2.43 7.03 -21.69
N ARG B 54 2.43 7.02 -21.69
CA ARG B 54 1.32 6.90 -20.74
CA ARG B 54 1.28 6.89 -20.80
C ARG B 54 0.33 8.04 -20.93
C ARG B 54 0.30 8.04 -21.00
N GLU B 55 0.82 9.24 -21.24
CA GLU B 55 -0.07 10.37 -21.51
C GLU B 55 -0.82 10.21 -22.82
N THR B 56 -0.27 9.45 -23.77
CA THR B 56 -0.95 9.26 -25.06
C THR B 56 -1.96 8.12 -25.02
N ASN B 57 -1.58 6.98 -24.44
CA ASN B 57 -2.48 5.85 -24.36
C ASN B 57 -1.90 4.85 -23.35
N THR B 58 -2.68 4.53 -22.32
CA THR B 58 -2.16 3.63 -21.29
C THR B 58 -2.06 2.19 -21.76
N VAL B 59 -2.71 1.87 -22.86
CA VAL B 59 -2.67 0.50 -23.41
C VAL B 59 -2.41 0.70 -24.90
N HIS B 60 -1.14 0.63 -25.30
CA HIS B 60 -0.71 1.02 -26.64
C HIS B 60 -0.32 -0.22 -27.43
N TRP B 61 -0.79 -0.34 -28.66
CA TRP B 61 -0.40 -1.46 -29.49
C TRP B 61 0.94 -1.16 -30.14
N HIS B 62 1.92 -2.05 -29.92
CA HIS B 62 3.23 -1.93 -30.54
C HIS B 62 3.22 -2.90 -31.71
N GLU B 63 3.04 -2.38 -32.92
CA GLU B 63 2.81 -3.31 -34.03
C GLU B 63 4.05 -4.13 -34.37
N PHE B 64 5.25 -3.57 -34.20
CA PHE B 64 6.46 -4.24 -34.64
C PHE B 64 6.89 -5.35 -33.69
N LEU B 65 6.72 -5.13 -32.38
CA LEU B 65 6.90 -6.18 -31.39
C LEU B 65 5.67 -7.07 -31.25
N ASP B 66 4.54 -6.68 -31.85
CA ASP B 66 3.33 -7.50 -31.80
C ASP B 66 2.89 -7.72 -30.36
N SER B 67 2.87 -6.65 -29.56
CA SER B 67 2.46 -6.75 -28.17
C SER B 67 1.80 -5.47 -27.70
N TRP B 68 0.89 -5.59 -26.71
CA TRP B 68 0.40 -4.42 -25.99
C TRP B 68 1.48 -3.93 -25.04
N VAL B 69 1.61 -2.61 -24.96
CA VAL B 69 2.48 -1.93 -24.02
C VAL B 69 1.58 -1.18 -23.05
N VAL B 70 1.65 -1.56 -21.78
CA VAL B 70 0.75 -1.08 -20.75
C VAL B 70 1.52 -0.25 -19.75
N THR B 71 1.21 1.06 -19.68
CA THR B 71 1.91 1.97 -18.80
C THR B 71 1.01 2.58 -17.70
N GLY B 72 -0.30 2.38 -17.74
CA GLY B 72 -1.18 2.95 -16.70
C GLY B 72 -1.15 2.08 -15.45
N TYR B 73 -1.21 2.74 -14.30
CA TYR B 73 -1.18 2.00 -13.05
C TYR B 73 -2.38 1.08 -12.90
N ALA B 74 -3.58 1.58 -13.16
CA ALA B 74 -4.79 0.77 -12.98
C ALA B 74 -4.74 -0.46 -13.86
N GLU B 75 -4.26 -0.28 -15.09
CA GLU B 75 -4.20 -1.38 -16.06
C GLU B 75 -3.14 -2.40 -15.66
N CYS B 76 -1.94 -1.96 -15.24
CA CYS B 76 -0.93 -2.89 -14.81
C CYS B 76 -1.42 -3.69 -13.61
N ARG B 77 -2.06 -3.00 -12.66
CA ARG B 77 -2.56 -3.69 -11.49
C ARG B 77 -3.63 -4.70 -11.87
N GLN B 78 -4.50 -4.36 -12.81
CA GLN B 78 -5.54 -5.28 -13.26
C GLN B 78 -4.92 -6.55 -13.82
N VAL B 79 -3.97 -6.39 -14.76
CA VAL B 79 -3.44 -7.55 -15.47
C VAL B 79 -2.66 -8.43 -14.51
N LEU B 80 -1.84 -7.82 -13.64
CA LEU B 80 -1.06 -8.59 -12.66
C LEU B 80 -1.96 -9.40 -11.74
N GLY B 81 -3.10 -8.84 -11.33
CA GLY B 81 -3.93 -9.53 -10.38
C GLY B 81 -4.88 -10.55 -10.96
N ASP B 82 -4.97 -10.69 -12.28
CA ASP B 82 -5.95 -11.56 -12.93
C ASP B 82 -5.27 -12.73 -13.64
N THR B 83 -5.08 -13.83 -12.90
CA THR B 83 -4.47 -15.01 -13.55
C THR B 83 -5.50 -15.87 -14.28
N THR B 84 -6.78 -15.57 -14.16
CA THR B 84 -7.79 -16.30 -14.93
C THR B 84 -7.79 -15.85 -16.40
N ASN B 85 -7.63 -14.54 -16.65
CA ASN B 85 -7.67 -14.04 -18.02
C ASN B 85 -6.30 -13.68 -18.56
N PHE B 86 -5.29 -13.55 -17.69
CA PHE B 86 -3.93 -13.21 -18.10
C PHE B 86 -2.95 -14.11 -17.37
N GLY B 87 -2.07 -14.76 -18.12
CA GLY B 87 -1.22 -15.78 -17.54
C GLY B 87 0.26 -15.64 -17.84
N SER B 88 1.02 -16.47 -17.12
CA SER B 88 2.43 -16.65 -17.39
C SER B 88 2.76 -18.01 -17.95
N ASP B 89 1.79 -18.92 -18.00
CA ASP B 89 1.98 -20.28 -18.52
C ASP B 89 1.41 -20.27 -19.93
N PHE B 90 2.27 -20.19 -20.94
CA PHE B 90 1.83 -20.11 -22.32
C PHE B 90 1.16 -21.39 -22.81
N ARG B 91 1.28 -22.49 -22.06
CA ARG B 91 0.54 -23.69 -22.43
C ARG B 91 -0.95 -23.44 -22.43
N ARG B 92 -1.41 -22.43 -21.69
CA ARG B 92 -2.83 -22.10 -21.60
C ARG B 92 -3.33 -21.43 -22.87
N ILE B 93 -2.44 -21.07 -23.79
CA ILE B 93 -2.86 -20.60 -25.11
C ILE B 93 -2.25 -21.57 -26.13
N ASP B 94 -2.05 -22.82 -25.72
CA ASP B 94 -1.66 -23.90 -26.62
C ASP B 94 -0.24 -23.72 -27.16
N VAL B 95 0.66 -23.13 -26.40
CA VAL B 95 2.06 -23.10 -26.78
C VAL B 95 2.76 -24.28 -26.12
N GLU B 96 3.60 -24.98 -26.89
CA GLU B 96 4.24 -26.19 -26.37
C GLU B 96 5.37 -25.81 -25.43
N ILE B 97 5.28 -26.29 -24.19
CA ILE B 97 6.31 -26.05 -23.19
C ILE B 97 6.62 -27.39 -22.55
N PRO B 98 7.82 -27.95 -22.75
CA PRO B 98 8.14 -29.25 -22.15
C PRO B 98 8.18 -29.17 -20.63
N ASP B 99 7.86 -30.30 -19.99
CA ASP B 99 7.80 -30.33 -18.54
C ASP B 99 9.13 -29.97 -17.89
N THR B 100 10.24 -30.21 -18.60
CA THR B 100 11.56 -29.96 -18.03
C THR B 100 11.87 -28.47 -17.91
N GLN B 101 11.07 -27.60 -18.51
CA GLN B 101 11.32 -26.17 -18.46
C GLN B 101 10.36 -25.44 -17.53
N LEU B 102 9.40 -26.13 -16.95
CA LEU B 102 8.43 -25.49 -16.06
C LEU B 102 9.11 -24.98 -14.79
N SER B 103 8.61 -23.86 -14.27
CA SER B 103 9.22 -23.19 -13.13
C SER B 103 8.16 -22.34 -12.41
N VAL B 104 8.48 -21.90 -11.20
CA VAL B 104 7.48 -21.12 -10.46
C VAL B 104 6.99 -19.92 -11.27
N GLN B 105 7.87 -19.27 -12.02
CA GLN B 105 7.51 -18.04 -12.76
C GLN B 105 6.63 -18.33 -13.99
N SER B 106 6.54 -19.59 -14.42
CA SER B 106 5.84 -19.94 -15.66
C SER B 106 4.68 -20.90 -15.40
N LEU B 107 4.25 -21.00 -14.15
CA LEU B 107 3.09 -21.77 -13.76
C LEU B 107 2.03 -20.82 -13.21
N ASP B 108 0.76 -21.12 -13.43
CA ASP B 108 -0.28 -20.28 -12.88
C ASP B 108 -1.13 -21.09 -11.90
N PRO B 109 -1.88 -20.41 -11.03
CA PRO B 109 -2.78 -21.13 -10.11
C PRO B 109 -3.78 -21.96 -10.88
N PRO B 110 -4.20 -23.13 -10.34
CA PRO B 110 -3.83 -23.68 -9.03
C PRO B 110 -2.52 -24.46 -9.05
N GLU B 111 -1.94 -24.78 -10.21
CA GLU B 111 -0.68 -25.55 -10.24
C GLU B 111 0.47 -24.82 -9.55
N HIS B 112 0.48 -23.49 -9.67
CA HIS B 112 1.53 -22.65 -9.10
C HIS B 112 1.60 -22.80 -7.60
N GLY B 113 0.47 -23.14 -6.96
CA GLY B 113 0.41 -23.15 -5.51
C GLY B 113 1.36 -24.15 -4.90
N ALA B 114 1.57 -25.30 -5.56
CA ALA B 114 2.42 -26.32 -4.95
C ALA B 114 3.85 -25.79 -4.78
N ILE B 115 4.46 -25.34 -5.88
CA ILE B 115 5.85 -24.86 -5.77
C ILE B 115 5.90 -23.56 -4.98
N ARG B 116 4.88 -22.69 -5.13
CA ARG B 116 4.91 -21.44 -4.37
C ARG B 116 4.91 -21.72 -2.85
N HIS B 117 4.03 -22.65 -2.41
CA HIS B 117 3.99 -23.00 -0.99
C HIS B 117 5.32 -23.56 -0.54
N LEU B 118 5.92 -24.39 -1.40
CA LEU B 118 7.20 -24.97 -1.05
C LEU B 118 8.21 -23.88 -0.78
N LEU B 119 8.31 -22.90 -1.71
CA LEU B 119 9.34 -21.86 -1.59
C LEU B 119 9.05 -20.90 -0.44
N VAL B 120 7.76 -20.55 -0.27
CA VAL B 120 7.40 -19.58 0.78
C VAL B 120 7.65 -20.18 2.15
N SER B 121 7.24 -21.45 2.34
CA SER B 121 7.46 -22.10 3.62
C SER B 121 8.96 -22.26 3.90
N ALA B 122 9.74 -22.61 2.87
CA ALA B 122 11.17 -22.71 3.09
C ALA B 122 11.76 -21.35 3.45
N LEU B 123 11.26 -20.29 2.82
CA LEU B 123 11.77 -18.95 3.17
C LEU B 123 11.47 -18.65 4.62
N HIS B 124 10.25 -18.97 5.05
CA HIS B 124 9.85 -18.65 6.41
C HIS B 124 10.61 -19.50 7.41
N GLU B 125 11.27 -20.57 6.98
CA GLU B 125 12.02 -21.33 7.96
C GLU B 125 13.35 -20.68 8.30
N GLN B 126 13.81 -19.68 7.53
CA GLN B 126 15.08 -19.03 7.81
C GLN B 126 14.93 -18.04 8.96
N PRO B 127 15.73 -18.13 10.03
CA PRO B 127 15.53 -17.17 11.12
C PRO B 127 15.93 -15.79 10.63
N LEU B 128 15.01 -14.84 10.80
CA LEU B 128 15.17 -13.51 10.24
C LEU B 128 16.30 -12.70 10.88
N SER B 129 16.52 -12.86 12.19
CA SER B 129 17.61 -12.14 12.85
C SER B 129 18.97 -12.48 12.26
N THR B 130 19.21 -13.78 12.03
CA THR B 130 20.47 -14.20 11.44
C THR B 130 20.57 -13.67 10.03
N VAL B 131 19.48 -13.74 9.27
CA VAL B 131 19.55 -13.23 7.89
C VAL B 131 19.92 -11.75 7.95
N ARG B 132 19.30 -11.02 8.86
CA ARG B 132 19.54 -9.59 8.91
C ARG B 132 21.00 -9.32 9.30
N GLN B 133 21.52 -10.09 10.26
CA GLN B 133 22.92 -9.97 10.67
C GLN B 133 23.87 -10.25 9.51
N GLN B 134 23.60 -11.30 8.73
CA GLN B 134 24.44 -11.63 7.57
C GLN B 134 24.39 -10.52 6.51
N PHE B 135 23.18 -10.03 6.21
CA PHE B 135 23.04 -9.00 5.19
C PHE B 135 23.77 -7.71 5.61
N ALA B 136 23.68 -7.35 6.89
CA ALA B 136 24.31 -6.15 7.41
C ALA B 136 25.82 -6.27 7.40
N ALA B 137 26.35 -7.46 7.76
CA ALA B 137 27.79 -7.66 7.78
C ALA B 137 28.36 -7.58 6.37
N ILE B 138 27.67 -8.18 5.40
CA ILE B 138 28.13 -8.12 4.01
C ILE B 138 28.18 -6.68 3.52
N ALA B 139 27.12 -5.91 3.80
CA ALA B 139 27.10 -4.52 3.30
C ALA B 139 28.20 -3.70 3.95
N ALA B 140 28.40 -3.87 5.26
CA ALA B 140 29.43 -3.14 5.98
C ALA B 140 30.81 -3.50 5.50
N GLN B 141 31.03 -4.78 5.23
CA GLN B 141 32.34 -5.23 4.79
C GLN B 141 32.70 -4.58 3.44
N HIS B 142 31.75 -4.58 2.49
CA HIS B 142 32.10 -4.05 1.16
C HIS B 142 32.21 -2.54 1.17
N LEU B 143 31.47 -1.87 2.06
CA LEU B 143 31.66 -0.44 2.20
C LEU B 143 33.01 -0.11 2.79
N ALA B 144 33.41 -0.84 3.82
CA ALA B 144 34.71 -0.61 4.44
C ALA B 144 35.82 -0.90 3.45
N GLU B 145 35.62 -1.88 2.57
CA GLU B 145 36.65 -2.15 1.58
C GLU B 145 36.79 -0.98 0.61
N LEU B 146 35.77 -0.10 0.52
CA LEU B 146 35.90 1.07 -0.34
C LEU B 146 36.73 2.18 0.32
N SER B 147 36.87 2.11 1.64
CA SER B 147 37.58 3.11 2.42
C SER B 147 39.07 3.13 2.12
N GLY B 148 39.61 4.33 1.99
CA GLY B 148 41.02 4.50 1.71
C GLY B 148 41.41 4.27 0.28
N GLN B 149 40.48 3.86 -0.55
CA GLN B 149 40.76 3.63 -1.95
C GLN B 149 41.00 4.99 -2.60
N PRO B 150 42.15 5.22 -3.22
CA PRO B 150 42.40 6.53 -3.85
C PRO B 150 41.72 6.56 -5.20
N GLY B 151 41.54 7.76 -5.70
CA GLY B 151 40.93 7.89 -6.98
C GLY B 151 39.49 7.44 -7.01
N THR B 152 39.05 7.21 -8.23
CA THR B 152 37.68 6.85 -8.52
C THR B 152 37.40 5.37 -8.36
N VAL B 153 36.27 5.08 -7.73
CA VAL B 153 35.82 3.71 -7.55
C VAL B 153 34.46 3.55 -8.20
N ASP B 154 34.25 2.40 -8.79
CA ASP B 154 33.00 2.08 -9.45
C ASP B 154 32.13 1.31 -8.46
N LEU B 155 31.02 1.91 -8.07
CA LEU B 155 30.17 1.23 -7.08
C LEU B 155 29.43 0.02 -7.66
N VAL B 156 29.29 -0.08 -8.98
CA VAL B 156 28.63 -1.26 -9.56
C VAL B 156 29.48 -2.51 -9.33
N SER B 157 30.72 -2.50 -9.81
CA SER B 157 31.56 -3.67 -9.70
C SER B 157 32.12 -3.85 -8.29
N ARG B 158 32.29 -2.77 -7.50
CA ARG B 158 32.90 -2.87 -6.17
C ARG B 158 31.88 -2.98 -5.02
N PHE B 159 30.60 -2.69 -5.25
CA PHE B 159 29.64 -2.79 -4.18
C PHE B 159 28.36 -3.50 -4.61
N ALA B 160 27.65 -2.98 -5.62
CA ALA B 160 26.32 -3.54 -5.91
C ALA B 160 26.40 -5.02 -6.26
N ARG B 161 27.28 -5.35 -7.19
CA ARG B 161 27.38 -6.74 -7.63
C ARG B 161 27.96 -7.65 -6.53
N PRO B 162 29.11 -7.35 -5.89
CA PRO B 162 29.59 -8.30 -4.86
C PRO B 162 28.66 -8.42 -3.67
N VAL B 163 28.04 -7.32 -3.24
CA VAL B 163 27.08 -7.43 -2.16
C VAL B 163 25.92 -8.32 -2.56
N ALA B 164 25.39 -8.12 -3.76
CA ALA B 164 24.27 -8.94 -4.19
C ALA B 164 24.64 -10.42 -4.25
N LEU B 165 25.83 -10.72 -4.76
CA LEU B 165 26.21 -12.12 -4.92
C LEU B 165 26.38 -12.77 -3.55
N ARG B 166 27.08 -12.07 -2.63
CA ARG B 166 27.25 -12.68 -1.31
C ARG B 166 25.95 -12.74 -0.52
N THR B 167 25.04 -11.79 -0.73
CA THR B 167 23.76 -11.79 -0.03
C THR B 167 22.93 -13.00 -0.45
N ILE B 168 22.79 -13.20 -1.77
CA ILE B 168 21.94 -14.30 -2.23
C ILE B 168 22.56 -15.63 -1.88
N THR B 169 23.89 -15.75 -1.99
CA THR B 169 24.45 -17.06 -1.65
C THR B 169 24.48 -17.33 -0.14
N ALA B 170 24.61 -16.30 0.71
CA ALA B 170 24.48 -16.48 2.15
C ALA B 170 23.07 -16.94 2.48
N PHE B 171 22.05 -16.33 1.86
CA PHE B 171 20.69 -16.76 2.06
C PHE B 171 20.48 -18.21 1.59
N LEU B 172 21.06 -18.56 0.43
CA LEU B 172 20.95 -19.92 -0.10
C LEU B 172 21.74 -20.92 0.74
N GLY B 173 22.73 -20.43 1.47
CA GLY B 173 23.56 -21.33 2.25
C GLY B 173 24.54 -22.06 1.39
N VAL B 174 25.15 -21.39 0.41
CA VAL B 174 26.06 -22.05 -0.54
C VAL B 174 27.30 -21.21 -0.71
N PRO B 175 28.41 -21.82 -1.14
CA PRO B 175 29.65 -21.04 -1.35
C PRO B 175 29.48 -20.09 -2.53
N PRO B 176 29.93 -18.85 -2.44
CA PRO B 176 29.80 -17.91 -3.58
C PRO B 176 30.62 -18.39 -4.76
N PRO B 177 30.07 -18.38 -5.96
CA PRO B 177 30.93 -18.58 -7.13
C PRO B 177 31.77 -17.32 -7.38
N ASP B 178 32.71 -17.46 -8.31
CA ASP B 178 33.53 -16.32 -8.71
C ASP B 178 32.66 -15.19 -9.25
N GLY B 179 32.84 -13.99 -8.70
CA GLY B 179 31.92 -12.90 -9.00
C GLY B 179 31.96 -12.46 -10.45
N ALA B 180 33.15 -12.27 -11.00
CA ALA B 180 33.24 -11.81 -12.38
C ALA B 180 32.64 -12.84 -13.34
N GLY B 181 32.95 -14.12 -13.15
CA GLY B 181 32.39 -15.14 -14.02
C GLY B 181 30.88 -15.24 -13.86
N PHE B 182 30.42 -15.21 -12.60
CA PHE B 182 29.00 -15.31 -12.40
C PHE B 182 28.26 -14.15 -13.02
N GLU B 183 28.81 -12.93 -12.88
CA GLU B 183 28.19 -11.76 -13.49
C GLU B 183 28.10 -11.93 -15.01
N GLN B 184 29.12 -12.57 -15.62
CA GLN B 184 29.08 -12.74 -17.08
C GLN B 184 27.94 -13.68 -17.51
N TRP B 185 27.83 -14.82 -16.82
CA TRP B 185 26.72 -15.71 -17.16
C TRP B 185 25.37 -15.04 -16.88
N SER B 186 25.25 -14.44 -15.70
CA SER B 186 23.97 -13.84 -15.30
C SER B 186 23.58 -12.71 -16.25
N ASN B 187 24.56 -11.91 -16.71
CA ASN B 187 24.25 -10.81 -17.61
C ASN B 187 23.71 -11.32 -18.93
N ALA B 188 24.22 -12.48 -19.40
CA ALA B 188 23.70 -13.05 -20.66
C ALA B 188 22.20 -13.34 -20.52
N ILE B 189 21.79 -13.82 -19.35
CA ILE B 189 20.36 -14.11 -19.11
C ILE B 189 19.53 -12.81 -19.08
N VAL B 190 20.07 -11.79 -18.41
CA VAL B 190 19.38 -10.49 -18.35
C VAL B 190 19.16 -9.95 -19.76
N ARG B 191 20.21 -9.99 -20.59
N ARG B 191 20.22 -9.98 -20.58
CA ARG B 191 20.08 -9.42 -21.93
CA ARG B 191 20.13 -9.45 -21.94
C ARG B 191 19.11 -10.23 -22.77
C ARG B 191 19.09 -10.22 -22.74
N SER B 192 19.01 -11.54 -22.51
CA SER B 192 18.08 -12.37 -23.28
C SER B 192 16.63 -12.00 -23.00
N MET B 193 16.37 -11.29 -21.88
CA MET B 193 15.01 -10.82 -21.63
C MET B 193 14.57 -9.81 -22.69
N ASP B 194 15.50 -9.21 -23.41
CA ASP B 194 15.18 -8.26 -24.46
C ASP B 194 15.20 -8.90 -25.84
N ALA B 195 15.14 -10.23 -25.92
CA ALA B 195 15.22 -10.90 -27.22
C ALA B 195 14.08 -10.53 -28.15
N GLY B 196 12.94 -10.07 -27.65
CA GLY B 196 11.91 -9.60 -28.57
C GLY B 196 12.33 -8.37 -29.34
N ILE B 197 13.23 -7.57 -28.77
CA ILE B 197 13.76 -6.40 -29.45
C ILE B 197 14.96 -6.76 -30.33
N GLU B 198 15.91 -7.53 -29.78
CA GLU B 198 17.12 -7.95 -30.48
C GLU B 198 17.20 -9.46 -30.36
N PRO B 199 16.71 -10.20 -31.36
CA PRO B 199 16.61 -11.67 -31.20
C PRO B 199 17.92 -12.41 -30.97
N ALA B 200 19.04 -11.86 -31.43
CA ALA B 200 20.32 -12.54 -31.22
C ALA B 200 20.67 -12.61 -29.74
N ARG B 201 19.98 -11.84 -28.89
CA ARG B 201 20.26 -11.89 -27.47
C ARG B 201 19.75 -13.18 -26.82
N ALA B 202 18.95 -13.96 -27.55
CA ALA B 202 18.36 -15.17 -26.95
C ALA B 202 19.38 -16.29 -26.74
N GLU B 203 20.23 -16.56 -27.72
CA GLU B 203 21.05 -17.77 -27.62
C GLU B 203 22.04 -17.73 -26.47
N PRO B 204 22.80 -16.65 -26.26
CA PRO B 204 23.69 -16.62 -25.09
C PRO B 204 22.95 -16.86 -23.78
N GLY B 205 21.71 -16.40 -23.67
CA GLY B 205 20.97 -16.63 -22.44
C GLY B 205 20.76 -18.12 -22.20
N ASN B 206 20.46 -18.87 -23.25
CA ASN B 206 20.26 -20.30 -23.08
C ASN B 206 21.53 -21.01 -22.60
N GLN B 207 22.70 -20.64 -23.12
CA GLN B 207 23.90 -21.28 -22.60
C GLN B 207 24.06 -20.96 -21.12
N ALA B 208 23.81 -19.71 -20.76
CA ALA B 208 23.99 -19.28 -19.38
C ALA B 208 22.99 -19.95 -18.47
N ARG B 209 21.74 -20.13 -18.95
CA ARG B 209 20.79 -20.82 -18.10
C ARG B 209 21.26 -22.23 -17.75
N ALA B 210 21.85 -22.94 -18.73
CA ALA B 210 22.37 -24.28 -18.46
C ALA B 210 23.49 -24.23 -17.44
N GLU B 211 24.35 -23.20 -17.50
CA GLU B 211 25.40 -23.11 -16.50
C GLU B 211 24.82 -22.90 -15.11
N LEU B 212 23.80 -22.03 -14.98
CA LEU B 212 23.25 -21.84 -13.65
C LEU B 212 22.54 -23.10 -13.18
N SER B 213 22.00 -23.90 -14.11
CA SER B 213 21.36 -25.14 -13.70
C SER B 213 22.35 -26.11 -13.12
N ARG B 214 23.52 -26.20 -13.71
CA ARG B 214 24.51 -27.11 -13.16
C ARG B 214 24.90 -26.73 -11.75
N LEU B 215 24.98 -25.42 -11.49
CA LEU B 215 25.30 -24.92 -10.16
C LEU B 215 24.22 -25.34 -9.17
N VAL B 216 22.95 -25.15 -9.55
CA VAL B 216 21.85 -25.52 -8.66
C VAL B 216 21.82 -27.02 -8.42
N THR B 217 22.13 -27.82 -9.45
CA THR B 217 22.14 -29.26 -9.24
C THR B 217 23.14 -29.66 -8.18
N HIS B 218 24.33 -29.05 -8.25
CA HIS B 218 25.37 -29.32 -7.27
C HIS B 218 24.91 -28.91 -5.88
N TRP B 219 24.28 -27.75 -5.78
CA TRP B 219 23.86 -27.26 -4.48
C TRP B 219 22.80 -28.18 -3.88
N LEU B 220 21.85 -28.62 -4.70
CA LEU B 220 20.85 -29.52 -4.16
C LEU B 220 21.52 -30.78 -3.59
N ALA B 221 22.58 -31.21 -4.22
CA ALA B 221 23.23 -32.44 -3.77
C ALA B 221 24.15 -32.20 -2.58
N GLU B 222 24.71 -31.00 -2.46
CA GLU B 222 25.79 -30.81 -1.50
C GLU B 222 25.61 -29.69 -0.49
N ALA B 223 24.63 -28.80 -0.66
CA ALA B 223 24.53 -27.63 0.19
C ALA B 223 24.16 -28.01 1.62
N ASP B 224 24.64 -27.22 2.55
CA ASP B 224 24.36 -27.39 3.97
C ASP B 224 22.86 -27.31 4.27
N GLU B 225 22.47 -27.89 5.40
CA GLU B 225 21.06 -27.85 5.77
C GLU B 225 20.55 -26.48 6.22
N ARG B 226 21.43 -25.56 6.57
CA ARG B 226 21.04 -24.36 7.31
C ARG B 226 20.55 -23.19 6.45
N GLY B 227 20.67 -23.27 5.13
CA GLY B 227 20.30 -22.20 4.24
C GLY B 227 19.03 -22.54 3.47
N PHE B 228 18.67 -21.65 2.54
CA PHE B 228 17.43 -21.83 1.79
C PHE B 228 17.43 -23.05 0.89
N VAL B 229 18.58 -23.41 0.30
CA VAL B 229 18.58 -24.65 -0.51
C VAL B 229 18.22 -25.85 0.39
N GLY B 230 18.84 -25.93 1.57
CA GLY B 230 18.51 -27.01 2.50
C GLY B 230 17.06 -27.01 2.93
N ALA B 231 16.50 -25.83 3.18
CA ALA B 231 15.10 -25.73 3.58
C ALA B 231 14.18 -26.16 2.44
N ALA B 232 14.47 -25.74 1.21
CA ALA B 232 13.67 -26.11 0.05
C ALA B 232 13.72 -27.60 -0.21
N ARG B 233 14.91 -28.18 -0.07
CA ARG B 233 15.12 -29.62 -0.23
C ARG B 233 14.29 -30.33 0.83
N ARG B 234 14.29 -29.81 2.06
CA ARG B 234 13.44 -30.41 3.08
C ARG B 234 11.95 -30.28 2.78
N ALA B 235 11.52 -29.07 2.38
CA ALA B 235 10.12 -28.82 2.06
C ALA B 235 9.66 -29.74 0.96
N ALA B 236 10.54 -30.01 -0.01
CA ALA B 236 10.23 -30.86 -1.15
C ALA B 236 9.83 -32.26 -0.72
N ARG B 237 10.39 -32.75 0.37
CA ARG B 237 10.00 -34.08 0.83
C ARG B 237 8.56 -34.14 1.33
N ALA B 238 7.96 -33.00 1.66
CA ALA B 238 6.57 -32.95 2.13
C ALA B 238 5.57 -32.89 0.98
N GLN B 239 6.02 -32.81 -0.26
CA GLN B 239 5.19 -32.54 -1.41
C GLN B 239 5.67 -33.43 -2.55
N ASP B 240 4.96 -33.37 -3.67
CA ASP B 240 5.27 -34.11 -4.88
C ASP B 240 5.52 -33.14 -6.03
N VAL B 241 6.15 -31.99 -5.76
CA VAL B 241 6.51 -31.11 -6.86
C VAL B 241 7.51 -31.81 -7.76
N PRO B 242 7.37 -31.74 -9.10
CA PRO B 242 8.38 -32.40 -9.96
C PRO B 242 9.77 -31.83 -9.71
N ALA B 243 10.76 -32.73 -9.76
CA ALA B 243 12.13 -32.31 -9.48
C ALA B 243 12.57 -31.17 -10.38
N ALA B 244 12.15 -31.21 -11.65
CA ALA B 244 12.51 -30.15 -12.62
C ALA B 244 11.94 -28.80 -12.20
N VAL B 245 10.71 -28.78 -11.70
CA VAL B 245 10.10 -27.52 -11.24
C VAL B 245 10.90 -26.97 -10.07
N LEU B 246 11.27 -27.84 -9.14
CA LEU B 246 12.08 -27.37 -8.01
C LEU B 246 13.42 -26.79 -8.47
N ALA B 247 14.15 -27.53 -9.29
CA ALA B 247 15.47 -27.06 -9.71
C ALA B 247 15.37 -25.76 -10.51
N ASN B 248 14.43 -25.68 -11.45
CA ASN B 248 14.28 -24.45 -12.23
C ASN B 248 13.87 -23.28 -11.33
N SER B 249 13.04 -23.56 -10.32
CA SER B 249 12.59 -22.49 -9.43
C SER B 249 13.72 -21.99 -8.55
N LEU B 250 14.59 -22.88 -8.05
CA LEU B 250 15.78 -22.45 -7.30
C LEU B 250 16.73 -21.65 -8.20
N ARG B 251 16.83 -22.03 -9.48
CA ARG B 251 17.62 -21.23 -10.41
C ARG B 251 17.04 -19.81 -10.55
N ALA B 252 15.70 -19.72 -10.57
CA ALA B 252 15.04 -18.41 -10.60
C ALA B 252 15.31 -17.64 -9.32
N VAL B 253 15.27 -18.31 -8.17
CA VAL B 253 15.58 -17.63 -6.92
C VAL B 253 16.99 -17.05 -6.98
N LEU B 254 17.96 -17.86 -7.44
CA LEU B 254 19.35 -17.41 -7.54
C LEU B 254 19.49 -16.22 -8.48
N HIS B 255 18.96 -16.35 -9.71
CA HIS B 255 19.19 -15.31 -10.71
C HIS B 255 18.38 -14.05 -10.42
N ALA B 256 17.10 -14.21 -10.10
CA ALA B 256 16.28 -13.08 -9.73
C ALA B 256 16.83 -12.40 -8.48
N GLY B 257 17.24 -13.18 -7.47
CA GLY B 257 17.79 -12.59 -6.26
C GLY B 257 19.05 -11.80 -6.53
N TYR B 258 19.98 -12.39 -7.29
CA TYR B 258 21.23 -11.71 -7.59
C TYR B 258 20.96 -10.46 -8.44
N GLU B 259 20.23 -10.59 -9.53
CA GLU B 259 20.12 -9.46 -10.46
C GLU B 259 19.24 -8.35 -9.93
N SER B 260 18.13 -8.69 -9.27
CA SER B 260 17.26 -7.68 -8.75
C SER B 260 17.97 -6.89 -7.66
N VAL B 261 18.64 -7.58 -6.72
CA VAL B 261 19.34 -6.88 -5.64
C VAL B 261 20.47 -6.05 -6.23
N SER B 262 21.27 -6.65 -7.12
CA SER B 262 22.39 -5.94 -7.70
C SER B 262 21.92 -4.66 -8.39
N ARG B 263 20.87 -4.78 -9.20
CA ARG B 263 20.43 -3.63 -9.99
C ARG B 263 19.69 -2.62 -9.15
N LEU B 264 18.93 -3.07 -8.15
CA LEU B 264 18.32 -2.12 -7.24
C LEU B 264 19.37 -1.31 -6.53
N LEU B 265 20.40 -1.98 -6.00
CA LEU B 265 21.44 -1.28 -5.29
C LEU B 265 22.14 -0.26 -6.16
N GLY B 266 22.42 -0.61 -7.41
CA GLY B 266 23.05 0.35 -8.31
C GLY B 266 22.16 1.58 -8.48
N GLY B 267 20.88 1.38 -8.74
CA GLY B 267 20.00 2.54 -8.94
C GLY B 267 19.82 3.38 -7.68
N VAL B 268 19.66 2.74 -6.53
CA VAL B 268 19.50 3.48 -5.26
C VAL B 268 20.77 4.23 -4.96
N LEU B 269 21.94 3.60 -5.12
CA LEU B 269 23.18 4.31 -4.88
C LEU B 269 23.35 5.52 -5.82
N ALA B 270 22.93 5.37 -7.08
CA ALA B 270 22.99 6.52 -8.00
C ALA B 270 22.19 7.69 -7.45
N ARG B 271 21.03 7.40 -6.85
CA ARG B 271 20.22 8.45 -6.26
C ARG B 271 20.88 9.00 -5.00
N LEU B 272 21.43 8.11 -4.15
CA LEU B 272 21.96 8.56 -2.86
C LEU B 272 23.22 9.40 -3.04
N VAL B 273 24.07 9.04 -4.01
CA VAL B 273 25.30 9.81 -4.16
C VAL B 273 24.97 11.23 -4.65
N ARG B 274 23.89 11.38 -5.42
CA ARG B 274 23.47 12.71 -5.85
C ARG B 274 22.57 13.42 -4.84
N HIS B 275 21.87 12.70 -3.96
CA HIS B 275 20.96 13.27 -2.97
C HIS B 275 21.23 12.67 -1.61
N PRO B 276 22.41 12.95 -1.04
CA PRO B 276 22.74 12.38 0.27
C PRO B 276 21.82 12.79 1.40
N GLU B 277 21.07 13.88 1.24
CA GLU B 277 20.13 14.27 2.29
C GLU B 277 19.09 13.17 2.55
N LEU B 278 18.91 12.26 1.59
CA LEU B 278 17.99 11.15 1.80
C LEU B 278 18.41 10.30 2.98
N LEU B 279 19.70 10.28 3.30
CA LEU B 279 20.20 9.52 4.43
C LEU B 279 20.20 10.32 5.74
N ALA B 280 19.82 11.58 5.70
CA ALA B 280 19.86 12.41 6.89
C ALA B 280 18.53 12.45 7.62
N GLY B 281 17.64 11.50 7.35
CA GLY B 281 16.34 11.50 8.00
C GLY B 281 16.39 10.84 9.36
N PRO B 282 15.22 10.63 9.98
CA PRO B 282 15.22 10.08 11.34
C PRO B 282 15.88 8.73 11.50
N ALA B 283 15.87 7.87 10.50
CA ALA B 283 16.54 6.57 10.58
C ALA B 283 15.95 5.67 11.67
N THR B 284 14.64 5.77 11.87
CA THR B 284 13.90 4.83 12.68
C THR B 284 13.36 3.76 11.75
N ARG B 285 12.85 2.68 12.34
CA ARG B 285 12.31 1.59 11.54
C ARG B 285 11.20 2.09 10.64
N ASP B 286 10.30 2.87 11.19
CA ASP B 286 9.18 3.33 10.39
C ASP B 286 9.63 4.37 9.36
N ALA B 287 10.52 5.28 9.75
CA ALA B 287 10.99 6.28 8.79
C ALA B 287 11.75 5.61 7.65
N ASP B 288 12.60 4.63 7.97
CA ASP B 288 13.29 3.92 6.90
C ASP B 288 12.32 3.09 6.10
N GLU B 289 11.25 2.58 6.71
CA GLU B 289 10.26 1.88 5.90
C GLU B 289 9.72 2.77 4.80
N ALA B 290 9.35 4.00 5.14
CA ALA B 290 8.84 4.92 4.13
C ALA B 290 9.91 5.23 3.08
N LEU B 291 11.14 5.48 3.52
CA LEU B 291 12.20 5.78 2.55
C LEU B 291 12.48 4.61 1.60
N VAL B 292 12.58 3.41 2.15
CA VAL B 292 12.84 2.22 1.35
C VAL B 292 11.70 1.99 0.37
N ASP B 293 10.46 2.22 0.83
CA ASP B 293 9.31 2.05 -0.05
C ASP B 293 9.42 3.00 -1.24
N GLU B 294 9.84 4.25 -0.99
CA GLU B 294 9.98 5.22 -2.09
C GLU B 294 11.16 4.88 -3.00
N LEU B 295 12.27 4.42 -2.41
CA LEU B 295 13.44 4.06 -3.22
C LEU B 295 13.12 2.90 -4.15
N ILE B 296 12.35 1.94 -3.67
CA ILE B 296 11.95 0.81 -4.49
C ILE B 296 10.94 1.24 -5.54
N ARG B 297 9.96 2.08 -5.17
CA ARG B 297 9.03 2.58 -6.17
C ARG B 297 9.81 3.26 -7.31
N LEU B 298 10.80 4.09 -6.96
CA LEU B 298 11.46 4.91 -7.98
C LEU B 298 12.54 4.15 -8.75
N ASP B 299 13.33 3.34 -8.06
CA ASP B 299 14.53 2.75 -8.63
C ASP B 299 14.42 1.24 -8.80
N GLY B 300 13.27 0.66 -8.53
CA GLY B 300 13.06 -0.76 -8.78
C GLY B 300 13.48 -1.11 -10.19
N PRO B 301 14.28 -2.16 -10.35
CA PRO B 301 14.89 -2.38 -11.67
C PRO B 301 13.99 -3.00 -12.69
N VAL B 302 12.89 -3.63 -12.28
CA VAL B 302 12.04 -4.31 -13.26
C VAL B 302 11.25 -3.24 -14.04
N GLN B 303 11.58 -3.09 -15.33
CA GLN B 303 10.91 -2.12 -16.18
C GLN B 303 9.74 -2.72 -16.93
N ALA B 304 9.79 -4.03 -17.16
CA ALA B 304 8.82 -4.73 -17.98
C ALA B 304 8.52 -6.12 -17.42
N ASP B 305 7.25 -6.49 -17.41
CA ASP B 305 6.77 -7.74 -16.81
C ASP B 305 5.68 -8.28 -17.73
N ALA B 306 5.89 -9.42 -18.38
CA ALA B 306 5.00 -9.81 -19.47
C ALA B 306 3.92 -10.82 -19.03
N ARG B 307 2.78 -10.80 -19.75
CA ARG B 307 1.68 -11.76 -19.56
C ARG B 307 1.08 -12.10 -20.95
N VAL B 308 0.37 -13.22 -21.04
CA VAL B 308 -0.41 -13.56 -22.23
C VAL B 308 -1.88 -13.53 -21.88
N CYS B 309 -2.70 -13.08 -22.83
CA CYS B 309 -4.14 -13.09 -22.63
C CYS B 309 -4.70 -14.49 -22.88
N VAL B 310 -5.37 -15.06 -21.89
CA VAL B 310 -5.93 -16.40 -22.04
C VAL B 310 -7.36 -16.31 -22.55
N ARG B 311 -8.07 -15.25 -22.17
CA ARG B 311 -9.44 -14.99 -22.58
C ARG B 311 -9.61 -13.50 -22.84
N ASP B 312 -10.30 -13.18 -23.93
CA ASP B 312 -10.58 -11.81 -24.34
C ASP B 312 -10.98 -10.99 -23.12
N GLN B 313 -10.40 -9.81 -22.98
CA GLN B 313 -10.67 -9.04 -21.76
C GLN B 313 -10.41 -7.57 -22.01
N PRO B 314 -11.27 -6.65 -21.55
CA PRO B 314 -10.95 -5.23 -21.66
C PRO B 314 -9.83 -4.84 -20.72
N VAL B 315 -8.89 -4.02 -21.21
CA VAL B 315 -7.84 -3.42 -20.39
C VAL B 315 -7.79 -1.94 -20.76
N GLY B 316 -8.03 -1.08 -19.78
CA GLY B 316 -8.11 0.34 -20.11
C GLY B 316 -9.21 0.53 -21.14
N ALA B 317 -8.90 1.28 -22.20
CA ALA B 317 -9.85 1.53 -23.28
C ALA B 317 -9.82 0.49 -24.39
N GLN B 318 -8.98 -0.54 -24.28
CA GLN B 318 -8.76 -1.48 -25.37
C GLN B 318 -9.37 -2.83 -25.03
N LEU B 319 -9.87 -3.54 -26.05
CA LEU B 319 -10.24 -4.94 -25.90
C LEU B 319 -9.04 -5.81 -26.30
N VAL B 320 -8.48 -6.54 -25.33
CA VAL B 320 -7.40 -7.49 -25.57
C VAL B 320 -7.96 -8.89 -25.81
N ARG B 321 -7.35 -9.65 -26.73
CA ARG B 321 -7.87 -10.94 -27.18
C ARG B 321 -6.92 -12.09 -26.85
N ARG B 322 -7.53 -13.27 -26.71
CA ARG B 322 -6.78 -14.48 -26.40
C ARG B 322 -5.64 -14.66 -27.39
N GLY B 323 -4.47 -14.93 -26.82
CA GLY B 323 -3.25 -15.08 -27.57
C GLY B 323 -2.39 -13.83 -27.62
N ASP B 324 -2.96 -12.67 -27.32
CA ASP B 324 -2.18 -11.44 -27.31
C ASP B 324 -1.16 -11.45 -26.18
N VAL B 325 -0.01 -10.84 -26.44
CA VAL B 325 1.02 -10.62 -25.41
C VAL B 325 0.88 -9.19 -24.88
N LEU B 326 1.04 -9.04 -23.57
CA LEU B 326 1.05 -7.74 -22.91
C LEU B 326 2.36 -7.57 -22.17
N VAL B 327 2.97 -6.41 -22.37
CA VAL B 327 4.15 -6.04 -21.62
C VAL B 327 3.75 -4.95 -20.64
N LEU B 328 3.80 -5.26 -19.35
CA LEU B 328 3.42 -4.31 -18.30
C LEU B 328 4.63 -3.49 -17.88
N PHE B 329 4.61 -2.19 -18.20
CA PHE B 329 5.69 -1.29 -17.81
C PHE B 329 5.46 -0.87 -16.37
N ILE B 330 5.84 -1.75 -15.44
CA ILE B 330 5.50 -1.51 -14.04
C ILE B 330 6.33 -0.34 -13.47
N ALA B 331 7.55 -0.11 -13.97
CA ALA B 331 8.30 1.08 -13.54
C ALA B 331 7.60 2.37 -13.99
N ALA B 332 6.99 2.38 -15.17
CA ALA B 332 6.19 3.54 -15.58
C ALA B 332 4.93 3.67 -14.74
N ALA B 333 4.26 2.54 -14.45
CA ALA B 333 3.06 2.57 -13.62
C ALA B 333 3.37 3.14 -12.26
N ASN B 334 4.59 2.92 -11.78
CA ASN B 334 5.02 3.49 -10.50
C ASN B 334 5.30 5.00 -10.56
N ARG B 335 5.16 5.64 -11.73
CA ARG B 335 5.25 7.09 -11.83
C ARG B 335 3.92 7.69 -12.31
N ASP B 336 2.82 6.94 -12.21
CA ASP B 336 1.51 7.41 -12.66
C ASP B 336 1.06 8.49 -11.69
N PRO B 337 0.90 9.73 -12.15
CA PRO B 337 0.61 10.84 -11.21
C PRO B 337 -0.75 10.75 -10.60
N ALA B 338 -1.67 9.96 -11.20
CA ALA B 338 -2.96 9.78 -10.56
C ALA B 338 -2.87 9.01 -9.27
N VAL B 339 -1.82 8.21 -9.10
CA VAL B 339 -1.61 7.44 -7.88
C VAL B 339 -0.47 7.99 -7.05
N PHE B 340 0.55 8.57 -7.68
CA PHE B 340 1.75 9.08 -7.03
C PHE B 340 1.92 10.52 -7.46
N PRO B 341 1.19 11.45 -6.85
CA PRO B 341 1.39 12.86 -7.19
C PRO B 341 2.83 13.25 -7.00
N ASP B 342 3.34 14.12 -7.91
CA ASP B 342 4.76 14.49 -7.97
C ASP B 342 5.55 13.17 -8.09
N PRO B 343 5.30 12.39 -9.15
CA PRO B 343 5.73 10.96 -9.16
C PRO B 343 7.24 10.76 -9.13
N ASP B 344 8.03 11.72 -9.60
CA ASP B 344 9.46 11.51 -9.67
C ASP B 344 10.19 11.86 -8.37
N ALA B 345 9.46 12.26 -7.32
CA ALA B 345 10.06 12.70 -6.06
C ALA B 345 9.90 11.67 -4.95
N VAL B 346 10.90 11.61 -4.05
CA VAL B 346 10.76 10.85 -2.81
C VAL B 346 9.84 11.64 -1.90
N ARG B 347 8.71 11.06 -1.54
CA ARG B 347 7.76 11.67 -0.61
C ARG B 347 7.47 10.65 0.47
N LEU B 348 7.79 10.99 1.70
CA LEU B 348 7.78 10.02 2.79
C LEU B 348 6.43 9.80 3.46
N THR B 349 5.37 10.45 2.97
CA THR B 349 4.03 10.39 3.56
C THR B 349 3.02 9.72 2.63
N ARG B 350 3.50 9.01 1.60
CA ARG B 350 2.57 8.29 0.74
C ARG B 350 2.06 7.07 1.47
N ARG B 351 0.86 6.62 1.07
CA ARG B 351 0.28 5.38 1.58
C ARG B 351 1.14 4.19 1.13
N ARG B 352 1.38 3.28 2.06
CA ARG B 352 2.14 2.08 1.77
C ARG B 352 1.31 1.07 0.97
N GLY B 353 1.99 0.18 0.27
CA GLY B 353 1.33 -0.92 -0.42
C GLY B 353 0.81 -0.60 -1.79
N LEU B 354 1.25 0.50 -2.41
CA LEU B 354 0.72 0.88 -3.70
C LEU B 354 1.62 0.48 -4.85
N HIS B 355 2.93 0.65 -4.69
CA HIS B 355 3.80 0.47 -5.83
C HIS B 355 3.78 -0.97 -6.32
N LEU B 356 4.11 -1.12 -7.61
CA LEU B 356 4.08 -2.41 -8.30
C LEU B 356 5.47 -2.99 -8.58
N ALA B 357 6.51 -2.47 -7.91
CA ALA B 357 7.88 -2.87 -8.23
C ALA B 357 8.19 -4.32 -7.88
N PHE B 358 7.42 -4.91 -6.97
CA PHE B 358 7.50 -6.34 -6.66
C PHE B 358 6.40 -7.14 -7.33
N GLY B 359 5.70 -6.56 -8.25
CA GLY B 359 4.54 -7.19 -8.81
C GLY B 359 3.34 -7.08 -7.87
N ARG B 360 2.36 -7.94 -8.12
CA ARG B 360 1.09 -7.94 -7.41
C ARG B 360 0.38 -9.25 -7.69
N GLY B 361 -0.20 -9.83 -6.66
CA GLY B 361 -0.99 -11.01 -6.81
C GLY B 361 -0.19 -12.30 -6.67
N ALA B 362 -0.61 -13.33 -7.40
CA ALA B 362 -0.10 -14.68 -7.12
C ALA B 362 1.40 -14.78 -7.33
N HIS B 363 1.96 -14.06 -8.31
CA HIS B 363 3.39 -14.15 -8.61
C HIS B 363 4.21 -13.05 -7.95
N ALA B 364 3.61 -12.26 -7.06
CA ALA B 364 4.36 -11.18 -6.42
C ALA B 364 5.65 -11.70 -5.78
N CYS B 365 6.68 -10.86 -5.82
CA CYS B 365 8.03 -11.27 -5.50
C CYS B 365 8.12 -12.03 -4.18
N LEU B 366 8.65 -13.26 -4.27
CA LEU B 366 8.93 -14.13 -3.11
C LEU B 366 9.92 -13.50 -2.15
N GLY B 367 10.84 -12.69 -2.68
CA GLY B 367 11.89 -12.16 -1.86
C GLY B 367 11.69 -10.72 -1.46
N ALA B 368 10.45 -10.22 -1.58
CA ALA B 368 10.21 -8.80 -1.29
C ALA B 368 10.62 -8.45 0.13
N GLY B 369 10.33 -9.34 1.07
CA GLY B 369 10.69 -9.10 2.44
C GLY B 369 12.18 -9.10 2.65
N LEU B 370 12.88 -10.02 1.95
CA LEU B 370 14.33 -10.05 2.01
C LEU B 370 14.94 -8.81 1.38
N ALA B 371 14.38 -8.36 0.26
CA ALA B 371 14.95 -7.21 -0.46
C ALA B 371 14.78 -5.93 0.33
N THR B 372 13.61 -5.75 0.97
CA THR B 372 13.42 -4.55 1.78
C THR B 372 14.31 -4.61 3.01
N LEU B 373 14.45 -5.77 3.64
CA LEU B 373 15.39 -5.91 4.75
C LEU B 373 16.81 -5.57 4.31
N GLN B 374 17.22 -6.08 3.16
CA GLN B 374 18.58 -5.86 2.66
C GLN B 374 18.85 -4.39 2.38
N LEU B 375 17.92 -3.72 1.70
CA LEU B 375 18.15 -2.31 1.40
C LEU B 375 18.22 -1.49 2.67
N ARG B 376 17.37 -1.81 3.64
CA ARG B 376 17.45 -1.08 4.92
C ARG B 376 18.83 -1.26 5.54
N GLU B 377 19.38 -2.47 5.45
CA GLU B 377 20.70 -2.66 6.03
C GLU B 377 21.77 -1.90 5.25
N VAL B 378 21.63 -1.75 3.92
CA VAL B 378 22.57 -0.92 3.18
C VAL B 378 22.48 0.55 3.64
N LEU B 379 21.27 1.08 3.80
CA LEU B 379 21.13 2.44 4.31
C LEU B 379 21.81 2.56 5.67
N GLY B 380 21.61 1.55 6.54
CA GLY B 380 22.24 1.60 7.84
C GLY B 380 23.76 1.53 7.77
N ALA B 381 24.29 0.72 6.85
CA ALA B 381 25.74 0.64 6.74
C ALA B 381 26.32 1.96 6.22
N LEU B 382 25.63 2.60 5.28
CA LEU B 382 26.07 3.90 4.75
C LEU B 382 26.06 4.98 5.84
N ARG B 383 24.98 5.04 6.63
CA ARG B 383 24.93 6.04 7.69
C ARG B 383 26.01 5.79 8.74
N ALA B 384 26.25 4.53 9.11
CA ALA B 384 27.30 4.26 10.11
C ALA B 384 28.73 4.30 9.58
N GLY B 385 28.91 4.21 8.26
CA GLY B 385 30.22 4.04 7.66
C GLY B 385 31.13 5.25 7.72
N GLY B 386 30.57 6.44 7.84
CA GLY B 386 31.36 7.66 7.86
C GLY B 386 32.10 7.96 6.57
N LEU B 387 31.66 7.39 5.45
CA LEU B 387 32.23 7.64 4.13
C LEU B 387 31.25 8.50 3.34
N ARG B 388 31.77 9.56 2.73
CA ARG B 388 31.07 10.35 1.73
C ARG B 388 31.41 9.84 0.33
N LEU B 389 30.40 9.38 -0.39
CA LEU B 389 30.59 8.90 -1.75
C LEU B 389 30.22 10.00 -2.75
N ALA B 390 31.22 10.75 -3.21
CA ALA B 390 30.85 11.86 -4.08
C ALA B 390 30.92 11.46 -5.57
N PRO B 391 30.00 11.97 -6.41
CA PRO B 391 30.03 11.61 -7.84
C PRO B 391 31.37 12.02 -8.48
N ALA B 392 31.93 11.11 -9.25
CA ALA B 392 33.17 11.30 -9.99
C ALA B 392 32.92 11.12 -11.48
N GLY B 393 31.76 11.51 -11.94
CA GLY B 393 31.34 11.27 -13.29
C GLY B 393 29.89 10.82 -13.28
N PRO B 394 29.29 10.75 -14.46
CA PRO B 394 27.88 10.38 -14.54
C PRO B 394 27.68 8.92 -14.32
N ALA B 395 26.50 8.60 -13.80
CA ALA B 395 26.03 7.22 -13.85
C ALA B 395 25.91 6.84 -15.33
N ALA B 396 26.42 5.67 -15.69
CA ALA B 396 26.30 5.14 -17.05
C ALA B 396 25.43 3.89 -17.02
N TYR B 397 24.45 3.80 -17.92
CA TYR B 397 23.49 2.71 -17.88
C TYR B 397 23.72 1.68 -18.98
N GLU B 398 23.52 0.42 -18.61
CA GLU B 398 23.69 -0.70 -19.50
C GLU B 398 22.54 -0.76 -20.49
N PRO B 399 22.82 -1.21 -21.73
CA PRO B 399 21.72 -1.39 -22.72
C PRO B 399 20.88 -2.63 -22.46
N THR B 400 20.16 -2.59 -21.34
CA THR B 400 19.17 -3.58 -20.96
C THR B 400 17.87 -2.82 -20.67
N ALA B 401 16.81 -3.24 -21.35
CA ALA B 401 15.52 -2.56 -21.30
C ALA B 401 14.56 -3.18 -20.32
N THR B 402 14.55 -4.51 -20.19
CA THR B 402 13.62 -5.19 -19.29
C THR B 402 14.01 -5.00 -17.84
N LEU B 403 15.28 -5.19 -17.52
CA LEU B 403 15.84 -5.03 -16.18
C LEU B 403 16.86 -3.90 -16.22
N ARG B 404 16.50 -2.76 -15.69
CA ARG B 404 17.41 -1.63 -15.73
C ARG B 404 18.60 -1.84 -14.83
N GLY B 405 19.77 -1.44 -15.32
CA GLY B 405 21.00 -1.57 -14.56
C GLY B 405 22.05 -0.58 -15.02
N LEU B 406 22.86 -0.16 -14.09
CA LEU B 406 24.01 0.69 -14.39
C LEU B 406 25.17 -0.13 -14.88
N ALA B 407 25.89 0.39 -15.87
CA ALA B 407 27.17 -0.19 -16.25
C ALA B 407 28.29 0.32 -15.36
N GLU B 408 28.16 1.53 -14.83
CA GLU B 408 29.23 2.09 -14.03
C GLU B 408 28.67 3.24 -13.21
N LEU B 409 29.16 3.37 -11.99
CA LEU B 409 28.80 4.45 -11.08
C LEU B 409 30.03 4.96 -10.38
N PRO B 410 30.75 5.92 -10.98
CA PRO B 410 32.03 6.34 -10.43
C PRO B 410 31.88 7.37 -9.31
N VAL B 411 32.59 7.13 -8.21
CA VAL B 411 32.57 8.04 -7.07
C VAL B 411 33.98 8.17 -6.50
N SER B 412 34.18 9.25 -5.78
CA SER B 412 35.36 9.38 -4.93
C SER B 412 34.93 9.18 -3.49
N VAL B 413 35.80 8.57 -2.69
CA VAL B 413 35.49 8.27 -1.30
C VAL B 413 36.21 9.27 -0.40
N ARG B 414 35.45 9.99 0.43
CA ARG B 414 36.03 11.06 1.24
C ARG B 414 35.45 11.10 2.67
N PRO C 33 -6.59 7.97 10.34
CA PRO C 33 -6.47 9.43 10.28
C PRO C 33 -5.23 9.87 9.50
N ILE C 34 -4.43 8.93 9.02
CA ILE C 34 -3.21 9.26 8.31
C ILE C 34 -3.55 9.84 6.94
N TYR C 35 -2.79 10.87 6.55
CA TYR C 35 -3.01 11.49 5.26
C TYR C 35 -1.68 12.04 4.76
N ASP C 36 -1.57 12.16 3.46
CA ASP C 36 -0.38 12.77 2.87
C ASP C 36 -0.53 14.29 2.92
N PRO C 37 0.29 15.01 3.69
CA PRO C 37 0.08 16.47 3.82
C PRO C 37 0.21 17.21 2.49
N LEU C 38 0.87 16.60 1.49
CA LEU C 38 1.07 17.22 0.19
C LEU C 38 0.15 16.64 -0.89
N ALA C 39 -0.75 15.72 -0.55
CA ALA C 39 -1.67 15.19 -1.55
C ALA C 39 -2.57 16.32 -2.05
N PRO C 40 -2.90 16.34 -3.37
CA PRO C 40 -3.72 17.44 -3.90
C PRO C 40 -5.04 17.62 -3.16
N SER C 41 -5.72 16.54 -2.75
CA SER C 41 -6.99 16.71 -2.06
C SER C 41 -6.77 17.33 -0.69
N VAL C 42 -5.66 17.02 -0.02
CA VAL C 42 -5.39 17.64 1.27
C VAL C 42 -5.06 19.13 1.08
N ILE C 43 -4.19 19.43 0.12
CA ILE C 43 -3.81 20.82 -0.16
C ILE C 43 -5.03 21.67 -0.55
N ALA C 44 -6.02 21.07 -1.22
CA ALA C 44 -7.19 21.85 -1.62
C ALA C 44 -7.97 22.35 -0.41
N ASP C 45 -8.03 21.55 0.65
CA ASP C 45 -8.71 21.94 1.88
C ASP C 45 -8.24 21.03 3.00
N PRO C 46 -7.23 21.43 3.78
CA PRO C 46 -6.68 20.53 4.79
C PRO C 46 -7.46 20.46 6.11
N TYR C 47 -8.37 21.41 6.35
CA TYR C 47 -8.99 21.53 7.67
C TYR C 47 -9.81 20.33 8.05
N PRO C 48 -10.54 19.65 7.15
CA PRO C 48 -11.20 18.39 7.53
C PRO C 48 -10.22 17.30 7.94
N PHE C 49 -9.02 17.26 7.33
CA PHE C 49 -8.04 16.26 7.73
C PHE C 49 -7.48 16.59 9.10
N TYR C 50 -7.22 17.88 9.36
CA TYR C 50 -6.85 18.30 10.70
C TYR C 50 -7.91 17.89 11.72
N ARG C 51 -9.19 18.09 11.39
CA ARG C 51 -10.27 17.84 12.34
C ARG C 51 -10.38 16.34 12.66
N LYS C 52 -10.18 15.50 11.66
CA LYS C 52 -10.21 14.05 11.92
C LYS C 52 -9.07 13.63 12.83
N LEU C 53 -7.87 14.20 12.59
CA LEU C 53 -6.77 13.93 13.50
C LEU C 53 -7.09 14.40 14.91
N ARG C 54 -7.61 15.62 15.03
N ARG C 54 -7.60 15.62 15.04
CA ARG C 54 -7.87 16.17 16.35
CA ARG C 54 -7.87 16.16 16.37
C ARG C 54 -8.90 15.33 17.08
C ARG C 54 -8.91 15.34 17.09
N GLU C 55 -9.90 14.81 16.35
CA GLU C 55 -10.92 13.99 16.97
C GLU C 55 -10.34 12.66 17.40
N THR C 56 -9.34 12.16 16.67
CA THR C 56 -8.76 10.88 17.01
C THR C 56 -7.81 11.01 18.21
N ASN C 57 -6.94 12.02 18.19
CA ASN C 57 -6.08 12.36 19.32
C ASN C 57 -5.53 13.76 19.12
N THR C 58 -5.46 14.55 20.20
CA THR C 58 -4.90 15.90 20.08
C THR C 58 -3.38 15.92 20.03
N VAL C 59 -2.75 14.83 20.43
CA VAL C 59 -1.30 14.68 20.43
C VAL C 59 -1.11 13.32 19.80
N HIS C 60 -0.80 13.28 18.50
CA HIS C 60 -0.78 12.03 17.74
C HIS C 60 0.65 11.74 17.26
N TRP C 61 1.11 10.50 17.46
CA TRP C 61 2.44 10.12 17.00
C TRP C 61 2.43 9.83 15.49
N HIS C 62 3.29 10.56 14.72
CA HIS C 62 3.43 10.31 13.29
C HIS C 62 4.72 9.51 13.09
N GLU C 63 4.60 8.20 12.90
CA GLU C 63 5.78 7.34 12.91
C GLU C 63 6.68 7.58 11.70
N PHE C 64 6.13 7.92 10.55
CA PHE C 64 7.00 8.01 9.37
C PHE C 64 7.83 9.28 9.38
N LEU C 65 7.22 10.37 9.83
CA LEU C 65 7.91 11.64 10.07
C LEU C 65 8.62 11.68 11.42
N ASP C 66 8.40 10.71 12.29
CA ASP C 66 9.10 10.64 13.56
C ASP C 66 8.86 11.90 14.40
N SER C 67 7.60 12.33 14.48
CA SER C 67 7.25 13.52 15.24
C SER C 67 5.83 13.44 15.81
N TRP C 68 5.61 14.11 16.94
CA TRP C 68 4.24 14.34 17.42
C TRP C 68 3.57 15.42 16.58
N VAL C 69 2.29 15.19 16.25
CA VAL C 69 1.43 16.17 15.57
C VAL C 69 0.36 16.60 16.55
N VAL C 70 0.35 17.89 16.87
CA VAL C 70 -0.51 18.44 17.91
C VAL C 70 -1.55 19.34 17.27
N THR C 71 -2.83 18.95 17.41
CA THR C 71 -3.95 19.68 16.81
C THR C 71 -4.90 20.30 17.84
N GLY C 72 -4.75 19.99 19.13
CA GLY C 72 -5.61 20.57 20.16
C GLY C 72 -5.13 21.97 20.53
N TYR C 73 -6.09 22.86 20.79
CA TYR C 73 -5.76 24.24 21.15
C TYR C 73 -5.00 24.29 22.47
N ALA C 74 -5.50 23.58 23.50
CA ALA C 74 -4.88 23.61 24.83
C ALA C 74 -3.44 23.11 24.74
N GLU C 75 -3.22 22.06 23.98
CA GLU C 75 -1.88 21.48 23.88
C GLU C 75 -0.95 22.42 23.10
N CYS C 76 -1.42 23.00 21.99
CA CYS C 76 -0.57 23.93 21.25
C CYS C 76 -0.19 25.13 22.11
N ARG C 77 -1.19 25.69 22.79
CA ARG C 77 -0.93 26.82 23.65
C ARG C 77 0.05 26.46 24.76
N GLN C 78 -0.07 25.24 25.30
CA GLN C 78 0.82 24.80 26.36
C GLN C 78 2.26 24.79 25.86
N VAL C 79 2.50 24.15 24.72
CA VAL C 79 3.87 23.98 24.24
C VAL C 79 4.49 25.33 23.86
N LEU C 80 3.72 26.20 23.17
CA LEU C 80 4.24 27.50 22.74
C LEU C 80 4.70 28.34 23.94
N GLY C 81 3.98 28.29 25.06
CA GLY C 81 4.36 29.13 26.17
C GLY C 81 5.43 28.57 27.09
N ASP C 82 5.90 27.35 26.86
CA ASP C 82 6.83 26.63 27.75
C ASP C 82 8.19 26.42 27.09
N THR C 83 9.10 27.37 27.30
CA THR C 83 10.45 27.22 26.81
C THR C 83 11.36 26.46 27.77
N THR C 84 10.88 26.13 28.96
CA THR C 84 11.69 25.32 29.87
C THR C 84 11.73 23.87 29.42
N ASN C 85 10.60 23.34 28.98
CA ASN C 85 10.53 21.95 28.59
C ASN C 85 10.50 21.74 27.10
N PHE C 86 10.26 22.81 26.33
CA PHE C 86 10.15 22.77 24.87
C PHE C 86 10.92 23.94 24.28
N GLY C 87 11.74 23.66 23.26
CA GLY C 87 12.62 24.67 22.70
C GLY C 87 12.51 24.78 21.19
N SER C 88 13.14 25.85 20.68
CA SER C 88 13.34 26.04 19.23
C SER C 88 14.79 25.89 18.82
N ASP C 89 15.70 25.77 19.80
CA ASP C 89 17.14 25.60 19.60
C ASP C 89 17.47 24.14 19.79
N PHE C 90 17.68 23.43 18.68
CA PHE C 90 17.94 21.99 18.74
C PHE C 90 19.25 21.66 19.44
N ARG C 91 20.12 22.66 19.68
CA ARG C 91 21.30 22.40 20.49
C ARG C 91 20.94 21.94 21.90
N ARG C 92 19.72 22.25 22.36
CA ARG C 92 19.32 21.83 23.70
C ARG C 92 19.04 20.33 23.77
N ILE C 93 19.01 19.63 22.62
CA ILE C 93 18.92 18.17 22.59
C ILE C 93 20.15 17.58 21.93
N ASP C 94 21.28 18.27 22.08
CA ASP C 94 22.58 17.77 21.66
C ASP C 94 22.69 17.66 20.16
N VAL C 95 22.00 18.53 19.42
CA VAL C 95 22.17 18.63 17.97
C VAL C 95 23.19 19.73 17.69
N GLU C 96 24.12 19.45 16.77
CA GLU C 96 25.19 20.39 16.46
C GLU C 96 24.63 21.49 15.57
N ILE C 97 24.74 22.73 16.02
CA ILE C 97 24.26 23.88 15.25
C ILE C 97 25.39 24.91 15.20
N PRO C 98 26.01 25.14 14.03
CA PRO C 98 27.11 26.11 13.98
C PRO C 98 26.61 27.51 14.32
N ASP C 99 27.50 28.33 14.88
CA ASP C 99 27.14 29.69 15.29
C ASP C 99 26.67 30.54 14.11
N THR C 100 27.10 30.21 12.90
CA THR C 100 26.76 31.00 11.72
C THR C 100 25.32 30.83 11.25
N GLN C 101 24.58 29.85 11.78
CA GLN C 101 23.20 29.61 11.37
C GLN C 101 22.17 30.03 12.42
N LEU C 102 22.61 30.51 13.59
CA LEU C 102 21.71 30.93 14.66
C LEU C 102 20.90 32.15 14.23
N SER C 103 19.65 32.23 14.68
CA SER C 103 18.75 33.30 14.28
C SER C 103 17.69 33.43 15.35
N VAL C 104 16.94 34.55 15.33
CA VAL C 104 15.97 34.79 16.40
C VAL C 104 14.98 33.61 16.50
N GLN C 105 14.60 33.01 15.37
N GLN C 105 14.60 33.01 15.36
CA GLN C 105 13.61 31.95 15.40
CA GLN C 105 13.60 31.95 15.34
C GLN C 105 14.14 30.63 15.96
C GLN C 105 14.14 30.64 15.94
N SER C 106 15.46 30.47 16.03
CA SER C 106 16.08 29.19 16.41
C SER C 106 16.92 29.27 17.68
N LEU C 107 16.73 30.33 18.47
CA LEU C 107 17.36 30.56 19.76
C LEU C 107 16.31 30.58 20.87
N ASP C 108 16.68 30.10 22.05
CA ASP C 108 15.75 30.15 23.17
C ASP C 108 16.30 31.00 24.32
N PRO C 109 15.43 31.41 25.25
CA PRO C 109 15.91 32.18 26.39
C PRO C 109 16.99 31.44 27.14
N PRO C 110 17.96 32.16 27.72
CA PRO C 110 18.10 33.62 27.73
C PRO C 110 18.77 34.18 26.49
N GLU C 111 19.40 33.34 25.65
CA GLU C 111 20.10 33.82 24.46
C GLU C 111 19.15 34.52 23.48
N HIS C 112 17.90 34.06 23.43
CA HIS C 112 16.93 34.62 22.50
C HIS C 112 16.67 36.07 22.83
N GLY C 113 16.74 36.39 24.11
CA GLY C 113 16.31 37.71 24.53
C GLY C 113 17.15 38.78 23.88
N ALA C 114 18.45 38.51 23.69
CA ALA C 114 19.33 39.57 23.19
C ALA C 114 18.89 40.03 21.81
N ILE C 115 18.78 39.07 20.88
CA ILE C 115 18.39 39.46 19.53
C ILE C 115 16.94 39.91 19.52
N ARG C 116 16.09 39.26 20.33
CA ARG C 116 14.69 39.69 20.40
C ARG C 116 14.60 41.14 20.82
N HIS C 117 15.33 41.50 21.88
CA HIS C 117 15.30 42.89 22.33
C HIS C 117 15.80 43.83 21.24
N LEU C 118 16.86 43.42 20.54
CA LEU C 118 17.38 44.28 19.48
C LEU C 118 16.31 44.58 18.46
N LEU C 119 15.60 43.53 18.02
CA LEU C 119 14.58 43.72 17.00
C LEU C 119 13.40 44.52 17.55
N VAL C 120 13.02 44.25 18.80
CA VAL C 120 11.89 44.97 19.33
C VAL C 120 12.25 46.45 19.44
N SER C 121 13.49 46.74 19.88
CA SER C 121 13.88 48.14 19.98
C SER C 121 13.84 48.83 18.62
N ALA C 122 14.33 48.15 17.59
CA ALA C 122 14.31 48.71 16.26
C ALA C 122 12.89 48.94 15.76
N LEU C 123 11.99 48.01 16.10
CA LEU C 123 10.60 48.16 15.71
C LEU C 123 10.01 49.42 16.32
N HIS C 124 10.32 49.66 17.59
CA HIS C 124 9.73 50.82 18.25
C HIS C 124 10.26 52.13 17.71
N GLU C 125 11.40 52.14 17.01
CA GLU C 125 11.93 53.35 16.39
C GLU C 125 11.24 53.72 15.09
N GLN C 126 10.46 52.81 14.50
CA GLN C 126 9.71 53.09 13.28
C GLN C 126 8.43 53.82 13.61
N PRO C 127 8.16 55.00 13.04
CA PRO C 127 6.89 55.66 13.36
C PRO C 127 5.73 54.89 12.73
N LEU C 128 4.71 54.60 13.55
CA LEU C 128 3.58 53.78 13.09
C LEU C 128 2.81 54.54 12.01
N SER C 129 2.82 55.87 12.09
CA SER C 129 2.14 56.66 11.07
C SER C 129 2.69 56.34 9.69
N THR C 130 4.02 56.23 9.56
CA THR C 130 4.59 55.87 8.27
C THR C 130 4.14 54.49 7.86
N VAL C 131 4.11 53.54 8.81
CA VAL C 131 3.73 52.19 8.46
C VAL C 131 2.32 52.19 7.89
N ARG C 132 1.37 52.76 8.64
CA ARG C 132 -0.02 52.68 8.19
C ARG C 132 -0.18 53.41 6.85
N GLN C 133 0.56 54.51 6.69
CA GLN C 133 0.53 55.30 5.46
C GLN C 133 1.07 54.53 4.26
N GLN C 134 2.15 53.78 4.51
CA GLN C 134 2.75 52.97 3.48
C GLN C 134 1.79 51.91 3.02
N PHE C 135 1.19 51.24 4.01
CA PHE C 135 0.29 50.13 3.74
C PHE C 135 -0.92 50.58 2.98
N ALA C 136 -1.49 51.74 3.40
CA ALA C 136 -2.68 52.25 2.74
C ALA C 136 -2.38 52.69 1.34
N ALA C 137 -1.24 53.35 1.14
CA ALA C 137 -0.93 53.84 -0.19
C ALA C 137 -0.64 52.68 -1.12
N ILE C 138 0.11 51.67 -0.64
CA ILE C 138 0.45 50.52 -1.46
C ILE C 138 -0.83 49.80 -1.86
N ALA C 139 -1.73 49.60 -0.89
CA ALA C 139 -2.96 48.89 -1.15
C ALA C 139 -3.83 49.65 -2.14
N ALA C 140 -3.91 50.98 -1.98
CA ALA C 140 -4.74 51.78 -2.87
C ALA C 140 -4.19 51.72 -4.29
N GLN C 141 -2.86 51.79 -4.43
CA GLN C 141 -2.28 51.81 -5.76
C GLN C 141 -2.58 50.48 -6.47
N HIS C 142 -2.35 49.36 -5.79
CA HIS C 142 -2.53 48.09 -6.48
C HIS C 142 -4.01 47.77 -6.68
N LEU C 143 -4.87 48.29 -5.81
CA LEU C 143 -6.30 48.14 -6.04
C LEU C 143 -6.74 48.92 -7.28
N ALA C 144 -6.22 50.12 -7.46
CA ALA C 144 -6.59 50.88 -8.65
C ALA C 144 -6.07 50.14 -9.89
N GLU C 145 -4.87 49.59 -9.79
CA GLU C 145 -4.27 48.89 -10.92
C GLU C 145 -5.15 47.72 -11.33
N LEU C 146 -5.61 46.93 -10.36
CA LEU C 146 -6.42 45.77 -10.76
C LEU C 146 -7.84 46.16 -11.15
N SER C 147 -8.39 47.24 -10.60
CA SER C 147 -9.71 47.61 -11.08
C SER C 147 -9.62 48.35 -12.41
N GLY C 148 -8.41 48.42 -12.97
CA GLY C 148 -8.26 49.14 -14.23
C GLY C 148 -9.04 48.53 -15.38
N GLN C 149 -9.04 47.19 -15.49
CA GLN C 149 -9.73 46.56 -16.60
C GLN C 149 -10.77 45.56 -16.13
N PRO C 150 -11.78 45.26 -16.97
CA PRO C 150 -12.84 44.34 -16.56
C PRO C 150 -12.56 42.88 -16.83
N GLY C 151 -11.30 42.50 -17.03
CA GLY C 151 -10.99 41.12 -17.33
C GLY C 151 -10.75 40.30 -16.08
N THR C 152 -10.16 39.12 -16.32
CA THR C 152 -9.82 38.20 -15.23
C THR C 152 -8.44 38.59 -14.75
N VAL C 153 -8.29 38.66 -13.44
CA VAL C 153 -7.01 38.95 -12.82
C VAL C 153 -6.74 37.87 -11.80
N ASP C 154 -5.47 37.49 -11.69
CA ASP C 154 -5.04 36.57 -10.65
C ASP C 154 -4.59 37.39 -9.45
N LEU C 155 -5.35 37.32 -8.34
CA LEU C 155 -5.05 38.18 -7.21
C LEU C 155 -3.79 37.78 -6.50
N VAL C 156 -3.31 36.55 -6.70
CA VAL C 156 -2.05 36.16 -6.07
C VAL C 156 -0.89 36.94 -6.67
N SER C 157 -0.68 36.82 -7.97
CA SER C 157 0.45 37.48 -8.61
C SER C 157 0.23 38.97 -8.83
N ARG C 158 -1.02 39.41 -8.95
CA ARG C 158 -1.34 40.80 -9.25
C ARG C 158 -1.63 41.65 -8.01
N PHE C 159 -1.89 41.04 -6.85
CA PHE C 159 -2.18 41.85 -5.68
C PHE C 159 -1.44 41.37 -4.45
N ALA C 160 -1.66 40.12 -4.03
CA ALA C 160 -1.12 39.67 -2.74
C ALA C 160 0.40 39.80 -2.73
N ARG C 161 1.07 39.25 -3.75
CA ARG C 161 2.53 39.26 -3.75
C ARG C 161 3.11 40.65 -3.93
N PRO C 162 2.73 41.44 -4.93
CA PRO C 162 3.35 42.77 -5.06
C PRO C 162 3.06 43.66 -3.87
N VAL C 163 1.85 43.58 -3.32
CA VAL C 163 1.56 44.36 -2.12
C VAL C 163 2.44 43.91 -0.98
N ALA C 164 2.57 42.60 -0.77
CA ALA C 164 3.41 42.12 0.33
C ALA C 164 4.85 42.56 0.15
N LEU C 165 5.35 42.50 -1.07
CA LEU C 165 6.76 42.83 -1.32
C LEU C 165 7.00 44.32 -1.05
N ARG C 166 6.13 45.18 -1.57
CA ARG C 166 6.32 46.60 -1.32
C ARG C 166 6.09 46.96 0.13
N THR C 167 5.20 46.25 0.81
CA THR C 167 4.93 46.51 2.21
C THR C 167 6.16 46.21 3.05
N ILE C 168 6.72 45.01 2.87
CA ILE C 168 7.84 44.64 3.72
C ILE C 168 9.06 45.48 3.38
N THR C 169 9.30 45.79 2.09
CA THR C 169 10.50 46.57 1.78
C THR C 169 10.33 48.04 2.17
N ALA C 170 9.12 48.56 2.12
CA ALA C 170 8.91 49.90 2.65
C ALA C 170 9.19 49.91 4.15
N PHE C 171 8.71 48.89 4.86
CA PHE C 171 9.01 48.81 6.30
C PHE C 171 10.51 48.68 6.54
N LEU C 172 11.19 47.85 5.75
CA LEU C 172 12.63 47.69 5.91
C LEU C 172 13.38 48.95 5.50
N GLY C 173 12.78 49.78 4.66
CA GLY C 173 13.45 50.96 4.18
C GLY C 173 14.48 50.65 3.13
N VAL C 174 14.19 49.75 2.20
CA VAL C 174 15.13 49.29 1.17
C VAL C 174 14.41 49.26 -0.17
N PRO C 175 15.17 49.36 -1.27
CA PRO C 175 14.54 49.30 -2.61
C PRO C 175 13.94 47.94 -2.85
N PRO C 176 12.73 47.86 -3.40
CA PRO C 176 12.15 46.52 -3.66
C PRO C 176 12.97 45.77 -4.69
N PRO C 177 13.30 44.50 -4.46
CA PRO C 177 13.88 43.70 -5.54
C PRO C 177 12.82 43.36 -6.57
N ASP C 178 13.29 42.77 -7.68
CA ASP C 178 12.40 42.33 -8.74
C ASP C 178 11.38 41.33 -8.18
N GLY C 179 10.10 41.59 -8.44
CA GLY C 179 9.05 40.81 -7.79
C GLY C 179 9.09 39.34 -8.18
N ALA C 180 9.18 39.06 -9.49
CA ALA C 180 9.20 37.66 -9.93
C ALA C 180 10.43 36.91 -9.40
N GLY C 181 11.62 37.52 -9.53
CA GLY C 181 12.81 36.85 -9.04
C GLY C 181 12.77 36.63 -7.54
N PHE C 182 12.35 37.67 -6.80
CA PHE C 182 12.30 37.50 -5.36
C PHE C 182 11.29 36.40 -5.00
N GLU C 183 10.13 36.37 -5.66
CA GLU C 183 9.15 35.33 -5.39
C GLU C 183 9.75 33.94 -5.64
N GLN C 184 10.60 33.77 -6.65
CA GLN C 184 11.20 32.45 -6.95
C GLN C 184 12.17 31.96 -5.85
N TRP C 185 13.08 32.85 -5.44
CA TRP C 185 13.98 32.48 -4.34
C TRP C 185 13.17 32.20 -3.07
N SER C 186 12.26 33.13 -2.77
CA SER C 186 11.45 33.00 -1.57
C SER C 186 10.60 31.72 -1.61
N ASN C 187 10.07 31.35 -2.79
CA ASN C 187 9.25 30.14 -2.85
C ASN C 187 10.10 28.91 -2.54
N ALA C 188 11.37 28.90 -2.99
CA ALA C 188 12.23 27.75 -2.68
C ALA C 188 12.37 27.55 -1.17
N ILE C 189 12.49 28.67 -0.42
CA ILE C 189 12.60 28.54 1.03
C ILE C 189 11.28 28.01 1.62
N VAL C 190 10.15 28.53 1.13
CA VAL C 190 8.87 28.04 1.64
C VAL C 190 8.75 26.53 1.44
N ARG C 191 8.98 26.07 0.21
N ARG C 191 8.97 26.07 0.22
CA ARG C 191 8.91 24.64 -0.08
CA ARG C 191 8.90 24.63 -0.06
C ARG C 191 9.85 23.84 0.82
C ARG C 191 9.86 23.83 0.80
N SER C 192 11.01 24.41 1.15
CA SER C 192 11.99 23.66 1.94
C SER C 192 11.51 23.43 3.37
N MET C 193 10.51 24.21 3.83
CA MET C 193 9.94 23.97 5.15
C MET C 193 9.30 22.57 5.23
N ASP C 194 9.00 21.97 4.07
CA ASP C 194 8.43 20.64 4.01
C ASP C 194 9.47 19.56 3.67
N ALA C 195 10.77 19.85 3.82
CA ALA C 195 11.81 18.89 3.45
C ALA C 195 11.71 17.60 4.24
N GLY C 196 11.09 17.62 5.43
CA GLY C 196 10.88 16.37 6.15
C GLY C 196 9.95 15.43 5.42
N ILE C 197 9.07 15.98 4.60
CA ILE C 197 8.20 15.20 3.76
C ILE C 197 8.87 14.85 2.44
N GLU C 198 9.50 15.82 1.80
CA GLU C 198 10.17 15.60 0.51
C GLU C 198 11.59 16.13 0.65
N PRO C 199 12.57 15.26 0.95
CA PRO C 199 13.93 15.77 1.24
C PRO C 199 14.61 16.56 0.11
N ALA C 200 14.24 16.34 -1.16
CA ALA C 200 14.83 17.08 -2.28
C ALA C 200 14.53 18.58 -2.21
N ARG C 201 13.56 18.97 -1.37
CA ARG C 201 13.19 20.37 -1.20
C ARG C 201 14.22 21.11 -0.37
N ALA C 202 15.13 20.39 0.29
CA ALA C 202 16.05 21.05 1.21
C ALA C 202 17.11 21.87 0.47
N GLU C 203 17.71 21.32 -0.59
CA GLU C 203 18.88 22.00 -1.18
C GLU C 203 18.50 23.31 -1.86
N PRO C 204 17.46 23.39 -2.69
CA PRO C 204 17.08 24.71 -3.23
C PRO C 204 16.79 25.72 -2.14
N GLY C 205 16.23 25.26 -1.03
CA GLY C 205 15.99 26.21 0.04
C GLY C 205 17.29 26.77 0.56
N ASN C 206 18.29 25.92 0.70
CA ASN C 206 19.58 26.38 1.17
C ASN C 206 20.22 27.35 0.18
N GLN C 207 20.13 27.05 -1.12
CA GLN C 207 20.68 28.02 -2.07
C GLN C 207 19.93 29.34 -1.95
N ALA C 208 18.60 29.28 -1.80
CA ALA C 208 17.80 30.51 -1.69
C ALA C 208 18.11 31.25 -0.40
N ARG C 209 18.32 30.52 0.69
CA ARG C 209 18.68 31.24 1.90
C ARG C 209 19.97 32.03 1.69
N ALA C 210 20.94 31.44 1.00
CA ALA C 210 22.19 32.17 0.78
C ALA C 210 21.95 33.41 -0.05
N GLU C 211 21.10 33.33 -1.06
CA GLU C 211 20.85 34.51 -1.86
C GLU C 211 20.21 35.61 -1.01
N LEU C 212 19.24 35.26 -0.16
CA LEU C 212 18.63 36.31 0.67
C LEU C 212 19.61 36.88 1.68
N SER C 213 20.56 36.06 2.11
CA SER C 213 21.57 36.55 3.03
C SER C 213 22.44 37.61 2.36
N ARG C 214 22.80 37.38 1.10
CA ARG C 214 23.61 38.37 0.39
C ARG C 214 22.86 39.69 0.26
N LEU C 215 21.55 39.60 0.02
CA LEU C 215 20.72 40.80 -0.05
C LEU C 215 20.73 41.57 1.27
N VAL C 216 20.56 40.84 2.36
CA VAL C 216 20.56 41.48 3.66
C VAL C 216 21.92 42.08 3.92
N THR C 217 22.99 41.40 3.52
CA THR C 217 24.32 41.98 3.73
C THR C 217 24.46 43.29 2.97
N HIS C 218 23.94 43.33 1.74
CA HIS C 218 24.00 44.57 0.99
C HIS C 218 23.20 45.65 1.69
N TRP C 219 22.01 45.30 2.19
CA TRP C 219 21.15 46.28 2.84
C TRP C 219 21.82 46.82 4.10
N LEU C 220 22.45 45.95 4.89
CA LEU C 220 23.13 46.47 6.08
C LEU C 220 24.19 47.50 5.71
N ALA C 221 24.82 47.30 4.56
CA ALA C 221 25.88 48.20 4.13
C ALA C 221 25.33 49.47 3.51
N GLU C 222 24.14 49.41 2.87
CA GLU C 222 23.72 50.54 2.04
C GLU C 222 22.39 51.17 2.40
N ALA C 223 21.59 50.52 3.24
CA ALA C 223 20.23 50.96 3.49
C ALA C 223 20.21 52.28 4.23
N ASP C 224 19.19 53.07 3.93
CA ASP C 224 18.92 54.34 4.56
C ASP C 224 18.66 54.18 6.05
N GLU C 225 18.86 55.27 6.78
CA GLU C 225 18.66 55.24 8.23
C GLU C 225 17.20 55.08 8.64
N ARG C 226 16.27 55.52 7.78
CA ARG C 226 14.89 55.74 8.22
C ARG C 226 14.07 54.47 8.39
N GLY C 227 14.53 53.35 7.85
CA GLY C 227 13.77 52.11 7.85
C GLY C 227 14.16 51.18 8.99
N PHE C 228 13.55 49.99 8.96
CA PHE C 228 13.82 49.02 10.02
C PHE C 228 15.25 48.49 9.94
N VAL C 229 15.79 48.32 8.73
CA VAL C 229 17.16 47.88 8.61
C VAL C 229 18.10 48.90 9.24
N GLY C 230 17.89 50.19 8.96
CA GLY C 230 18.73 51.20 9.59
C GLY C 230 18.60 51.21 11.11
N ALA C 231 17.36 51.03 11.62
CA ALA C 231 17.16 51.03 13.07
C ALA C 231 17.84 49.82 13.71
N ALA C 232 17.71 48.65 13.08
CA ALA C 232 18.37 47.47 13.61
C ALA C 232 19.88 47.62 13.57
N ARG C 233 20.42 48.25 12.52
CA ARG C 233 21.85 48.48 12.45
C ARG C 233 22.31 49.37 13.60
N ARG C 234 21.56 50.43 13.90
CA ARG C 234 21.92 51.30 15.02
C ARG C 234 21.84 50.54 16.34
N ALA C 235 20.75 49.81 16.55
CA ALA C 235 20.60 49.07 17.80
C ALA C 235 21.74 48.09 17.98
N ALA C 236 22.16 47.45 16.87
CA ALA C 236 23.23 46.47 16.94
C ALA C 236 24.51 47.11 17.44
N ARG C 237 24.83 48.30 16.90
CA ARG C 237 26.00 49.02 17.40
C ARG C 237 25.90 49.23 18.90
N ALA C 238 24.68 49.41 19.40
CA ALA C 238 24.50 49.65 20.82
C ALA C 238 24.42 48.40 21.69
N GLN C 239 24.27 47.20 21.10
CA GLN C 239 23.88 46.04 21.90
C GLN C 239 24.77 44.80 21.81
N ASP C 240 25.68 44.70 20.85
CA ASP C 240 26.70 43.64 20.88
C ASP C 240 26.10 42.24 20.68
N VAL C 241 25.25 42.11 19.67
CA VAL C 241 24.73 40.81 19.21
C VAL C 241 25.68 40.27 18.14
N PRO C 242 25.90 38.96 18.04
CA PRO C 242 26.76 38.44 16.98
C PRO C 242 26.18 38.79 15.61
N ALA C 243 27.07 39.18 14.69
CA ALA C 243 26.67 39.66 13.37
C ALA C 243 25.87 38.61 12.60
N ALA C 244 26.25 37.34 12.71
CA ALA C 244 25.53 36.30 12.00
C ALA C 244 24.09 36.20 12.48
N VAL C 245 23.85 36.33 13.80
CA VAL C 245 22.50 36.27 14.35
C VAL C 245 21.67 37.46 13.84
N LEU C 246 22.27 38.66 13.81
CA LEU C 246 21.57 39.84 13.31
C LEU C 246 21.18 39.66 11.85
N ALA C 247 22.12 39.23 11.03
CA ALA C 247 21.87 39.11 9.61
C ALA C 247 20.82 38.04 9.33
N ASN C 248 20.94 36.87 9.98
CA ASN C 248 19.95 35.82 9.78
C ASN C 248 18.56 36.25 10.27
N SER C 249 18.50 37.02 11.35
CA SER C 249 17.22 37.46 11.87
C SER C 249 16.57 38.49 10.94
N LEU C 250 17.36 39.41 10.37
CA LEU C 250 16.83 40.34 9.36
C LEU C 250 16.34 39.58 8.14
N ARG C 251 17.03 38.50 7.77
CA ARG C 251 16.54 37.67 6.68
C ARG C 251 15.19 37.08 7.05
N ALA C 252 15.06 36.66 8.31
CA ALA C 252 13.77 36.13 8.77
C ALA C 252 12.69 37.19 8.72
N VAL C 253 13.01 38.41 9.13
CA VAL C 253 12.03 39.49 9.05
C VAL C 253 11.59 39.69 7.62
N LEU C 254 12.55 39.73 6.68
CA LEU C 254 12.22 39.89 5.26
C LEU C 254 11.35 38.76 4.74
N HIS C 255 11.80 37.51 4.94
CA HIS C 255 11.09 36.38 4.32
C HIS C 255 9.78 36.12 5.04
N ALA C 256 9.81 36.11 6.38
CA ALA C 256 8.56 35.91 7.11
C ALA C 256 7.59 37.01 6.80
N GLY C 257 8.05 38.26 6.76
CA GLY C 257 7.16 39.34 6.45
C GLY C 257 6.56 39.19 5.07
N TYR C 258 7.42 38.91 4.07
CA TYR C 258 6.92 38.80 2.70
C TYR C 258 5.96 37.64 2.54
N GLU C 259 6.37 36.41 2.92
CA GLU C 259 5.56 35.25 2.61
C GLU C 259 4.31 35.17 3.48
N SER C 260 4.42 35.54 4.76
CA SER C 260 3.27 35.48 5.64
C SER C 260 2.21 36.48 5.19
N VAL C 261 2.61 37.72 4.90
CA VAL C 261 1.64 38.73 4.45
C VAL C 261 1.06 38.31 3.13
N SER C 262 1.92 37.88 2.19
CA SER C 262 1.47 37.47 0.87
C SER C 262 0.41 36.38 0.97
N ARG C 263 0.69 35.36 1.76
CA ARG C 263 -0.21 34.21 1.87
C ARG C 263 -1.44 34.52 2.69
N LEU C 264 -1.30 35.36 3.72
CA LEU C 264 -2.49 35.80 4.44
C LEU C 264 -3.43 36.57 3.54
N LEU C 265 -2.90 37.54 2.77
CA LEU C 265 -3.76 38.31 1.88
C LEU C 265 -4.42 37.40 0.87
N GLY C 266 -3.69 36.46 0.31
CA GLY C 266 -4.31 35.52 -0.62
C GLY C 266 -5.44 34.72 0.00
N GLY C 267 -5.21 34.15 1.18
CA GLY C 267 -6.25 33.34 1.81
C GLY C 267 -7.48 34.17 2.17
N VAL C 268 -7.24 35.38 2.68
CA VAL C 268 -8.36 36.27 3.03
C VAL C 268 -9.13 36.67 1.78
N LEU C 269 -8.42 37.03 0.71
CA LEU C 269 -9.10 37.39 -0.54
C LEU C 269 -9.90 36.22 -1.08
N ALA C 270 -9.39 35.00 -0.96
CA ALA C 270 -10.15 33.82 -1.41
C ALA C 270 -11.49 33.72 -0.65
N ARG C 271 -11.45 34.00 0.65
CA ARG C 271 -12.69 33.93 1.43
C ARG C 271 -13.62 35.07 1.03
N LEU C 272 -13.07 36.28 0.83
CA LEU C 272 -13.93 37.43 0.52
C LEU C 272 -14.58 37.26 -0.84
N VAL C 273 -13.85 36.69 -1.81
CA VAL C 273 -14.45 36.53 -3.13
C VAL C 273 -15.56 35.49 -3.06
N ARG C 274 -15.42 34.46 -2.19
CA ARG C 274 -16.52 33.50 -2.07
C ARG C 274 -17.65 33.97 -1.14
N HIS C 275 -17.38 34.93 -0.25
CA HIS C 275 -18.35 35.41 0.73
C HIS C 275 -18.29 36.92 0.78
N PRO C 276 -18.73 37.59 -0.27
CA PRO C 276 -18.67 39.06 -0.28
C PRO C 276 -19.47 39.72 0.83
N GLU C 277 -20.44 39.02 1.42
CA GLU C 277 -21.23 39.59 2.53
C GLU C 277 -20.34 39.97 3.72
N LEU C 278 -19.14 39.39 3.81
CA LEU C 278 -18.24 39.72 4.89
C LEU C 278 -17.81 41.19 4.85
N LEU C 279 -17.76 41.80 3.66
CA LEU C 279 -17.36 43.22 3.49
C LEU C 279 -18.54 44.18 3.60
N ALA C 280 -19.73 43.66 3.79
CA ALA C 280 -20.97 44.39 3.90
C ALA C 280 -21.32 44.69 5.35
N GLY C 281 -20.35 44.59 6.25
CA GLY C 281 -20.60 44.86 7.65
C GLY C 281 -20.47 46.34 7.95
N PRO C 282 -20.52 46.68 9.25
CA PRO C 282 -20.47 48.09 9.64
C PRO C 282 -19.26 48.83 9.18
N ALA C 283 -18.13 48.19 9.07
CA ALA C 283 -16.94 48.87 8.60
C ALA C 283 -16.54 50.02 9.51
N THR C 284 -16.66 49.82 10.81
CA THR C 284 -16.16 50.68 11.86
C THR C 284 -14.81 50.07 12.24
N ARG C 285 -13.97 50.84 12.91
CA ARG C 285 -12.68 50.29 13.32
C ARG C 285 -12.86 49.11 14.27
N ASP C 286 -13.83 49.18 15.20
CA ASP C 286 -14.01 48.03 16.11
C ASP C 286 -14.62 46.83 15.40
N ALA C 287 -15.59 47.07 14.50
CA ALA C 287 -16.16 45.96 13.73
C ALA C 287 -15.10 45.30 12.86
N ASP C 288 -14.24 46.13 12.22
CA ASP C 288 -13.15 45.55 11.42
C ASP C 288 -12.14 44.85 12.30
N GLU C 289 -11.97 45.31 13.55
CA GLU C 289 -11.08 44.61 14.47
C GLU C 289 -11.53 43.15 14.64
N ALA C 290 -12.84 42.98 14.88
CA ALA C 290 -13.41 41.63 15.05
C ALA C 290 -13.31 40.82 13.77
N LEU C 291 -13.66 41.43 12.64
CA LEU C 291 -13.55 40.70 11.37
C LEU C 291 -12.13 40.28 11.05
N VAL C 292 -11.17 41.18 11.23
CA VAL C 292 -9.77 40.87 10.96
C VAL C 292 -9.27 39.76 11.88
N ASP C 293 -9.66 39.80 13.15
CA ASP C 293 -9.25 38.76 14.08
C ASP C 293 -9.75 37.41 13.61
N GLU C 294 -11.00 37.36 13.10
CA GLU C 294 -11.57 36.11 12.59
C GLU C 294 -10.91 35.68 11.28
N LEU C 295 -10.63 36.64 10.41
CA LEU C 295 -9.97 36.30 9.16
C LEU C 295 -8.59 35.74 9.42
N ILE C 296 -7.89 36.29 10.40
CA ILE C 296 -6.59 35.74 10.73
C ILE C 296 -6.70 34.36 11.39
N ARG C 297 -7.67 34.18 12.27
CA ARG C 297 -7.88 32.88 12.88
C ARG C 297 -8.12 31.81 11.80
N LEU C 298 -8.93 32.13 10.80
CA LEU C 298 -9.34 31.14 9.82
C LEU C 298 -8.30 30.95 8.72
N ASP C 299 -7.71 32.06 8.25
CA ASP C 299 -6.89 32.03 7.05
C ASP C 299 -5.41 32.31 7.31
N GLY C 300 -4.99 32.41 8.56
CA GLY C 300 -3.59 32.54 8.87
C GLY C 300 -2.83 31.43 8.14
N PRO C 301 -1.74 31.80 7.46
CA PRO C 301 -1.09 30.82 6.56
C PRO C 301 -0.20 29.81 7.28
N VAL C 302 0.23 30.07 8.51
CA VAL C 302 1.12 29.14 9.21
C VAL C 302 0.32 27.92 9.69
N GLN C 303 0.58 26.76 9.08
CA GLN C 303 -0.09 25.51 9.41
C GLN C 303 0.67 24.69 10.44
N ALA C 304 1.98 24.88 10.51
CA ALA C 304 2.82 24.04 11.34
C ALA C 304 3.93 24.86 11.96
N ASP C 305 4.20 24.63 13.25
CA ASP C 305 5.17 25.39 14.03
C ASP C 305 5.89 24.36 14.91
N ALA C 306 7.18 24.13 14.71
CA ALA C 306 7.82 22.95 15.30
C ALA C 306 8.57 23.33 16.58
N ARG C 307 8.67 22.37 17.49
CA ARG C 307 9.43 22.50 18.73
C ARG C 307 10.11 21.17 19.04
N VAL C 308 11.14 21.21 19.87
CA VAL C 308 11.76 20.00 20.40
C VAL C 308 11.51 19.89 21.90
N CYS C 309 11.28 18.68 22.37
CA CYS C 309 11.14 18.45 23.81
C CYS C 309 12.51 18.39 24.49
N VAL C 310 12.73 19.29 25.44
CA VAL C 310 14.00 19.34 26.16
C VAL C 310 13.96 18.54 27.45
N ARG C 311 12.78 18.41 28.07
CA ARG C 311 12.63 17.65 29.31
C ARG C 311 11.27 16.95 29.25
N ASP C 312 11.24 15.69 29.69
CA ASP C 312 10.01 14.92 29.68
C ASP C 312 8.86 15.75 30.25
N GLN C 313 7.74 15.77 29.56
CA GLN C 313 6.63 16.62 29.99
C GLN C 313 5.35 16.08 29.39
N PRO C 314 4.26 15.97 30.18
CA PRO C 314 2.98 15.60 29.56
C PRO C 314 2.48 16.74 28.70
N VAL C 315 1.90 16.39 27.55
CA VAL C 315 1.24 17.34 26.67
C VAL C 315 -0.12 16.72 26.47
N GLY C 316 -1.15 17.42 26.91
CA GLY C 316 -2.45 16.81 26.92
C GLY C 316 -2.33 15.56 27.79
N ALA C 317 -2.81 14.44 27.26
CA ALA C 317 -2.72 13.14 27.90
C ALA C 317 -1.47 12.33 27.56
N GLN C 318 -0.57 12.85 26.74
CA GLN C 318 0.57 12.09 26.25
C GLN C 318 1.83 12.55 26.97
N LEU C 319 2.71 11.61 27.25
CA LEU C 319 4.02 11.94 27.78
C LEU C 319 4.96 12.09 26.60
N VAL C 320 5.43 13.27 26.40
CA VAL C 320 6.45 13.60 25.41
C VAL C 320 7.80 13.53 26.10
N ARG C 321 8.78 12.92 25.43
CA ARG C 321 10.09 12.71 26.01
C ARG C 321 11.17 13.55 25.37
N ARG C 322 12.23 13.77 26.15
CA ARG C 322 13.36 14.56 25.71
C ARG C 322 13.87 14.01 24.38
N GLY C 323 14.11 14.88 23.41
CA GLY C 323 14.57 14.48 22.11
C GLY C 323 13.48 14.36 21.06
N ASP C 324 12.22 14.24 21.49
CA ASP C 324 11.09 14.16 20.58
C ASP C 324 10.88 15.49 19.86
N VAL C 325 10.43 15.42 18.60
CA VAL C 325 9.99 16.59 17.84
C VAL C 325 8.48 16.70 17.91
N LEU C 326 7.97 17.92 18.09
CA LEU C 326 6.54 18.17 18.07
C LEU C 326 6.26 19.17 16.96
N VAL C 327 5.26 18.88 16.14
CA VAL C 327 4.78 19.82 15.12
C VAL C 327 3.43 20.33 15.61
N LEU C 328 3.38 21.62 15.93
CA LEU C 328 2.16 22.26 16.44
C LEU C 328 1.33 22.72 15.25
N PHE C 329 0.17 22.08 15.04
CA PHE C 329 -0.74 22.44 13.95
C PHE C 329 -1.56 23.64 14.40
N ILE C 330 -0.94 24.81 14.32
CA ILE C 330 -1.62 25.94 14.97
C ILE C 330 -2.87 26.37 14.19
N ALA C 331 -2.89 26.19 12.86
CA ALA C 331 -4.12 26.45 12.12
C ALA C 331 -5.24 25.49 12.52
N ALA C 332 -4.88 24.23 12.82
CA ALA C 332 -5.86 23.28 13.35
C ALA C 332 -6.31 23.69 14.74
N ALA C 333 -5.35 24.14 15.57
CA ALA C 333 -5.72 24.58 16.90
C ALA C 333 -6.71 25.74 16.84
N ASN C 334 -6.60 26.60 15.83
CA ASN C 334 -7.52 27.70 15.65
C ASN C 334 -8.90 27.26 15.18
N ARG C 335 -9.14 25.96 14.92
CA ARG C 335 -10.47 25.45 14.63
C ARG C 335 -10.95 24.47 15.69
N ASP C 336 -10.34 24.48 16.86
CA ASP C 336 -10.70 23.56 17.93
C ASP C 336 -12.07 23.97 18.45
N PRO C 337 -13.10 23.11 18.31
CA PRO C 337 -14.46 23.53 18.67
C PRO C 337 -14.66 23.74 20.15
N ALA C 338 -13.79 23.21 21.01
CA ALA C 338 -13.91 23.49 22.44
C ALA C 338 -13.63 24.96 22.76
N VAL C 339 -12.89 25.65 21.88
CA VAL C 339 -12.57 27.06 22.07
C VAL C 339 -13.29 27.97 21.09
N PHE C 340 -13.59 27.50 19.89
CA PHE C 340 -14.20 28.27 18.83
C PHE C 340 -15.42 27.52 18.32
N PRO C 341 -16.56 27.60 19.02
CA PRO C 341 -17.78 26.94 18.52
C PRO C 341 -18.11 27.41 17.10
N ASP C 342 -18.62 26.49 16.25
CA ASP C 342 -18.80 26.77 14.82
C ASP C 342 -17.44 27.21 14.26
N PRO C 343 -16.41 26.37 14.40
CA PRO C 343 -15.05 26.89 14.23
C PRO C 343 -14.73 27.34 12.83
N ASP C 344 -15.43 26.81 11.82
CA ASP C 344 -15.12 27.13 10.42
C ASP C 344 -15.81 28.41 9.95
N ALA C 345 -16.57 29.06 10.81
CA ALA C 345 -17.33 30.23 10.45
C ALA C 345 -16.76 31.50 11.07
N VAL C 346 -16.94 32.60 10.34
CA VAL C 346 -16.67 33.93 10.89
C VAL C 346 -17.79 34.24 11.88
N ARG C 347 -17.43 34.49 13.13
CA ARG C 347 -18.36 34.92 14.17
C ARG C 347 -17.78 36.16 14.81
N LEU C 348 -18.50 37.28 14.72
CA LEU C 348 -17.94 38.58 15.07
C LEU C 348 -18.01 38.92 16.56
N THR C 349 -18.54 38.03 17.39
CA THR C 349 -18.72 38.26 18.81
C THR C 349 -17.84 37.36 19.67
N ARG C 350 -16.84 36.75 19.09
CA ARG C 350 -15.96 35.92 19.90
C ARG C 350 -15.02 36.74 20.79
N ARG C 351 -14.60 36.10 21.89
CA ARG C 351 -13.57 36.67 22.73
C ARG C 351 -12.24 36.75 21.96
N ARG C 352 -11.59 37.89 22.11
CA ARG C 352 -10.33 38.23 21.47
C ARG C 352 -9.14 37.69 22.24
N GLY C 353 -8.03 37.60 21.53
CA GLY C 353 -6.78 37.20 22.13
C GLY C 353 -6.59 35.72 22.26
N LEU C 354 -7.40 34.94 21.55
CA LEU C 354 -7.36 33.49 21.67
C LEU C 354 -6.58 32.82 20.55
N HIS C 355 -6.73 33.26 19.31
CA HIS C 355 -6.16 32.47 18.23
C HIS C 355 -4.63 32.44 18.32
N LEU C 356 -4.04 31.38 17.72
CA LEU C 356 -2.60 31.13 17.77
C LEU C 356 -1.93 31.42 16.42
N ALA C 357 -2.59 32.16 15.53
CA ALA C 357 -2.05 32.35 14.20
C ALA C 357 -0.76 33.17 14.19
N PHE C 358 -0.51 33.96 15.23
CA PHE C 358 0.75 34.66 15.44
C PHE C 358 1.64 33.96 16.45
N GLY C 359 1.33 32.73 16.82
CA GLY C 359 2.07 32.07 17.87
C GLY C 359 1.68 32.57 19.26
N ARG C 360 2.55 32.25 20.23
CA ARG C 360 2.31 32.67 21.61
C ARG C 360 3.57 32.51 22.44
N GLY C 361 3.81 33.48 23.30
CA GLY C 361 4.92 33.39 24.21
C GLY C 361 6.16 34.09 23.66
N ALA C 362 7.33 33.57 24.02
CA ALA C 362 8.57 34.28 23.77
C ALA C 362 8.82 34.52 22.28
N HIS C 363 8.40 33.61 21.41
CA HIS C 363 8.65 33.72 19.98
C HIS C 363 7.46 34.30 19.22
N ALA C 364 6.45 34.81 19.93
CA ALA C 364 5.26 35.32 19.25
C ALA C 364 5.63 36.34 18.18
N CYS C 365 4.87 36.34 17.11
CA CYS C 365 5.24 37.08 15.90
C CYS C 365 5.62 38.51 16.21
N LEU C 366 6.85 38.86 15.83
CA LEU C 366 7.29 40.24 15.97
C LEU C 366 6.45 41.21 15.14
N GLY C 367 5.89 40.76 14.02
CA GLY C 367 5.17 41.65 13.12
C GLY C 367 3.64 41.55 13.23
N ALA C 368 3.14 40.97 14.30
CA ALA C 368 1.70 40.78 14.42
C ALA C 368 0.92 42.09 14.30
N GLY C 369 1.41 43.14 14.96
CA GLY C 369 0.72 44.41 14.88
C GLY C 369 0.79 45.02 13.50
N LEU C 370 1.94 44.88 12.82
CA LEU C 370 2.07 45.38 11.45
C LEU C 370 1.15 44.63 10.52
N ALA C 371 1.04 43.31 10.69
CA ALA C 371 0.22 42.50 9.79
C ALA C 371 -1.27 42.77 9.99
N THR C 372 -1.71 42.94 11.25
CA THR C 372 -3.13 43.24 11.49
C THR C 372 -3.48 44.63 10.99
N LEU C 373 -2.59 45.60 11.19
CA LEU C 373 -2.79 46.91 10.60
C LEU C 373 -2.87 46.81 9.08
N GLN C 374 -1.98 46.06 8.46
CA GLN C 374 -1.96 45.96 7.01
C GLN C 374 -3.26 45.37 6.47
N LEU C 375 -3.72 44.27 7.09
CA LEU C 375 -4.97 43.67 6.62
C LEU C 375 -6.16 44.60 6.84
N ARG C 376 -6.16 45.33 7.96
CA ARG C 376 -7.20 46.30 8.24
C ARG C 376 -7.26 47.35 7.15
N GLU C 377 -6.08 47.83 6.71
CA GLU C 377 -6.06 48.87 5.69
C GLU C 377 -6.51 48.37 4.34
N VAL C 378 -6.16 47.13 4.02
CA VAL C 378 -6.63 46.54 2.78
C VAL C 378 -8.14 46.40 2.79
N LEU C 379 -8.70 45.88 3.88
CA LEU C 379 -10.15 45.77 3.95
C LEU C 379 -10.81 47.12 3.76
N GLY C 380 -10.26 48.17 4.37
CA GLY C 380 -10.86 49.48 4.19
C GLY C 380 -10.78 49.96 2.74
N ALA C 381 -9.65 49.70 2.08
CA ALA C 381 -9.52 50.12 0.69
C ALA C 381 -10.46 49.32 -0.22
N LEU C 382 -10.62 48.01 0.03
CA LEU C 382 -11.55 47.24 -0.78
C LEU C 382 -12.98 47.69 -0.58
N ARG C 383 -13.39 47.92 0.66
CA ARG C 383 -14.77 48.39 0.84
C ARG C 383 -14.95 49.74 0.17
N ALA C 384 -13.94 50.61 0.28
CA ALA C 384 -14.04 51.93 -0.34
C ALA C 384 -13.96 51.85 -1.85
N GLY C 385 -13.37 50.79 -2.38
CA GLY C 385 -13.22 50.69 -3.82
C GLY C 385 -14.51 50.40 -4.53
N GLY C 386 -15.47 49.79 -3.84
CA GLY C 386 -16.73 49.44 -4.48
C GLY C 386 -16.57 48.43 -5.58
N LEU C 387 -15.60 47.55 -5.48
CA LEU C 387 -15.32 46.61 -6.55
C LEU C 387 -16.03 45.30 -6.26
N ARG C 388 -16.59 44.70 -7.31
CA ARG C 388 -17.16 43.36 -7.26
C ARG C 388 -16.12 42.32 -7.66
N LEU C 389 -15.43 41.74 -6.67
CA LEU C 389 -14.45 40.68 -6.94
C LEU C 389 -15.14 39.32 -6.88
N ALA C 390 -15.62 38.81 -8.04
CA ALA C 390 -16.34 37.55 -8.19
C ALA C 390 -15.42 36.43 -8.69
N PRO C 391 -15.65 35.17 -8.29
CA PRO C 391 -14.80 34.09 -8.79
C PRO C 391 -14.88 34.02 -10.31
N ALA C 392 -13.71 33.86 -10.94
CA ALA C 392 -13.56 33.72 -12.39
C ALA C 392 -12.88 32.40 -12.77
N GLY C 393 -13.16 31.34 -12.02
CA GLY C 393 -12.49 30.07 -12.20
C GLY C 393 -12.13 29.51 -10.85
N PRO C 394 -11.70 28.26 -10.78
CA PRO C 394 -11.41 27.69 -9.46
C PRO C 394 -10.12 28.24 -8.87
N ALA C 395 -10.12 28.41 -7.55
CA ALA C 395 -8.90 28.67 -6.80
C ALA C 395 -7.98 27.45 -6.83
N ALA C 396 -6.68 27.69 -7.02
CA ALA C 396 -5.67 26.63 -6.96
C ALA C 396 -4.69 26.85 -5.81
N TYR C 397 -4.43 25.82 -5.03
CA TYR C 397 -3.53 25.92 -3.87
C TYR C 397 -2.19 25.29 -4.23
N GLU C 398 -1.11 25.92 -3.75
CA GLU C 398 0.26 25.48 -4.00
C GLU C 398 0.59 24.24 -3.15
N PRO C 399 1.44 23.31 -3.63
CA PRO C 399 1.82 22.13 -2.78
C PRO C 399 2.84 22.46 -1.68
N THR C 400 2.40 23.29 -0.73
CA THR C 400 3.16 23.63 0.46
C THR C 400 2.29 23.37 1.68
N ALA C 401 2.81 22.59 2.63
CA ALA C 401 2.04 22.17 3.79
C ALA C 401 2.29 23.02 5.02
N THR C 402 3.52 23.49 5.20
CA THR C 402 3.81 24.28 6.41
C THR C 402 3.22 25.67 6.31
N LEU C 403 3.39 26.31 5.18
CA LEU C 403 2.89 27.65 4.91
C LEU C 403 1.90 27.56 3.77
N ARG C 404 0.63 27.66 4.10
CA ARG C 404 -0.42 27.52 3.12
C ARG C 404 -0.43 28.72 2.18
N GLY C 405 -0.67 28.45 0.92
CA GLY C 405 -0.73 29.56 -0.03
C GLY C 405 -1.53 29.19 -1.25
N LEU C 406 -2.21 30.19 -1.82
CA LEU C 406 -2.89 29.97 -3.09
C LEU C 406 -1.84 30.05 -4.19
N ALA C 407 -1.95 29.15 -5.17
CA ALA C 407 -1.13 29.30 -6.37
C ALA C 407 -1.75 30.27 -7.35
N GLU C 408 -3.07 30.37 -7.38
CA GLU C 408 -3.73 31.24 -8.35
C GLU C 408 -5.13 31.48 -7.78
N LEU C 409 -5.61 32.72 -7.91
CA LEU C 409 -6.94 33.10 -7.44
C LEU C 409 -7.55 33.97 -8.52
N PRO C 410 -8.18 33.37 -9.53
CA PRO C 410 -8.68 34.18 -10.66
C PRO C 410 -10.03 34.81 -10.32
N VAL C 411 -10.14 36.11 -10.53
CA VAL C 411 -11.40 36.81 -10.26
C VAL C 411 -11.67 37.78 -11.38
N SER C 412 -12.94 38.14 -11.50
CA SER C 412 -13.38 39.23 -12.35
C SER C 412 -13.61 40.45 -11.48
N VAL C 413 -13.27 41.61 -12.02
CA VAL C 413 -13.35 42.88 -11.31
C VAL C 413 -14.50 43.67 -11.92
N ARG C 414 -15.30 44.30 -11.06
CA ARG C 414 -16.41 45.15 -11.50
C ARG C 414 -16.82 46.18 -10.44
N MET D 1 8.04 19.17 9.06
CA MET D 1 7.38 20.46 8.85
C MET D 1 7.93 21.44 9.88
N ARG D 2 8.46 22.70 9.41
CA ARG D 2 9.04 23.65 10.33
C ARG D 2 8.91 25.04 9.71
N LEU D 4 10.36 27.97 9.11
CA LEU D 4 11.66 28.60 9.20
C LEU D 4 12.24 29.18 7.92
N HIS D 5 13.06 30.38 8.04
CA HIS D 5 13.63 30.98 6.85
C HIS D 5 15.13 30.99 6.92
#